data_3INN
#
_entry.id   3INN
#
_cell.length_a   94.320
_cell.length_b   94.320
_cell.length_c   236.930
_cell.angle_alpha   90.00
_cell.angle_beta   90.00
_cell.angle_gamma   120.00
#
_symmetry.space_group_name_H-M   'P 31 2 1'
#
loop_
_entity.id
_entity.type
_entity.pdbx_description
1 polymer 'Pantothenate synthetase'
2 non-polymer "ADENOSINE-5'-TRIPHOSPHATE"
3 non-polymer 'UNKNOWN ATOM OR ION'
4 water water
#
_entity_poly.entity_id   1
_entity_poly.type   'polypeptide(L)'
_entity_poly.pdbx_seq_one_letter_code
;MAHHHHHHMGTLEAQTQGPGSMQIIHTIEELRQALAPARQQGKKIGFVPTMGYLHKGHLELVRRARVENDVTLVSIFVNP
LQFGANEDLGRYPRDLERDAGLLHDAQVDYLFAPTVSDMYPRPMQTVVDVPPLGNQIEGEARPGHFAGVATVVSKLFNIV
GPDAAYFGEKDFQQLVIIRRMVDDMAIPVRIVGVETVREDDGLACSSRNVYLTPEQRRAAIIVPQALDEADRLYRSGMDD
PDALEAAIRTFIGRQPLAVPEVIAIRDPETLERLPALQGRPILVALFVRVGATRLLDNRVIGHAAPQITQERAA
;
_entity_poly.pdbx_strand_id   A,B,C,D
#
loop_
_chem_comp.id
_chem_comp.type
_chem_comp.name
_chem_comp.formula
ATP non-polymer ADENOSINE-5'-TRIPHOSPHATE 'C10 H16 N5 O13 P3'
UNX non-polymer 'UNKNOWN ATOM OR ION' ?
#
# COMPACT_ATOMS: atom_id res chain seq x y z
N SER A 21 7.58 22.70 20.67
CA SER A 21 6.09 22.69 20.39
C SER A 21 5.65 21.27 20.05
N MET A 22 4.41 20.93 20.35
CA MET A 22 3.87 19.60 20.02
C MET A 22 3.68 19.52 18.50
N GLN A 23 4.15 18.44 17.88
CA GLN A 23 3.95 18.22 16.45
C GLN A 23 2.78 17.30 16.23
N ILE A 24 1.85 17.73 15.40
CA ILE A 24 0.70 16.91 15.03
C ILE A 24 1.03 16.25 13.71
N ILE A 25 1.05 14.92 13.71
CA ILE A 25 1.43 14.11 12.57
C ILE A 25 0.28 13.16 12.20
N HIS A 26 0.09 12.99 10.90
CA HIS A 26 -1.09 12.29 10.37
C HIS A 26 -0.82 11.00 9.66
N THR A 27 0.44 10.72 9.32
CA THR A 27 0.77 9.50 8.58
C THR A 27 1.82 8.65 9.28
N ILE A 28 1.78 7.36 8.97
CA ILE A 28 2.67 6.37 9.56
C ILE A 28 4.13 6.67 9.21
N GLU A 29 4.38 6.96 7.94
CA GLU A 29 5.74 7.27 7.47
C GLU A 29 6.29 8.50 8.17
N GLU A 30 5.56 9.60 8.13
CA GLU A 30 5.96 10.83 8.83
C GLU A 30 6.21 10.59 10.33
N LEU A 31 5.36 9.81 10.99
CA LEU A 31 5.52 9.55 12.45
C LEU A 31 6.82 8.78 12.75
N ARG A 32 7.09 7.72 11.98
CA ARG A 32 8.31 6.95 12.16
C ARG A 32 9.57 7.79 11.93
N GLN A 33 9.55 8.66 10.93
CA GLN A 33 10.68 9.56 10.65
C GLN A 33 10.87 10.54 11.82
N ALA A 34 9.76 11.04 12.36
CA ALA A 34 9.81 11.97 13.46
C ALA A 34 10.43 11.32 14.69
N LEU A 35 10.18 10.03 14.90
CA LEU A 35 10.65 9.31 16.09
C LEU A 35 12.02 8.66 15.91
N ALA A 36 12.44 8.42 14.66
CA ALA A 36 13.69 7.69 14.36
C ALA A 36 14.95 8.14 15.14
N PRO A 37 15.17 9.46 15.26
CA PRO A 37 16.39 9.91 15.95
C PRO A 37 16.41 9.57 17.44
N ALA A 38 15.32 9.91 18.13
CA ALA A 38 15.16 9.55 19.54
C ALA A 38 15.36 8.07 19.76
N ARG A 39 14.81 7.24 18.86
CA ARG A 39 14.92 5.78 19.02
C ARG A 39 16.39 5.34 18.88
N GLN A 40 17.12 5.98 17.97
CA GLN A 40 18.54 5.67 17.79
C GLN A 40 19.36 6.07 19.01
N GLN A 41 19.02 7.21 19.61
CA GLN A 41 19.69 7.70 20.84
C GLN A 41 19.22 7.02 22.14
N GLY A 42 18.51 5.89 22.05
CA GLY A 42 18.07 5.16 23.24
C GLY A 42 17.06 5.87 24.14
N LYS A 43 16.41 6.90 23.62
CA LYS A 43 15.41 7.64 24.40
C LYS A 43 14.13 6.83 24.59
N LYS A 44 13.50 6.99 25.76
CA LYS A 44 12.29 6.24 26.08
C LYS A 44 11.07 6.91 25.49
N ILE A 45 10.27 6.11 24.78
CA ILE A 45 9.06 6.59 24.17
C ILE A 45 7.85 6.00 24.92
N GLY A 46 7.00 6.89 25.40
CA GLY A 46 5.78 6.53 26.10
C GLY A 46 4.61 6.91 25.21
N PHE A 47 3.59 6.05 25.19
CA PHE A 47 2.52 6.10 24.19
C PHE A 47 1.15 5.98 24.84
N VAL A 48 0.24 6.89 24.53
CA VAL A 48 -1.08 6.84 25.06
C VAL A 48 -2.06 6.81 23.90
N PRO A 49 -2.60 5.63 23.60
CA PRO A 49 -3.60 5.50 22.53
C PRO A 49 -4.95 5.92 23.01
N THR A 50 -5.66 6.73 22.24
CA THR A 50 -6.99 7.15 22.66
C THR A 50 -7.92 7.24 21.44
N MET A 51 -9.20 7.39 21.71
CA MET A 51 -10.14 7.73 20.67
C MET A 51 -10.60 9.19 20.77
N GLY A 52 -9.81 10.01 21.45
CA GLY A 52 -10.00 11.45 21.44
C GLY A 52 -11.16 11.92 22.30
N TYR A 53 -11.52 13.19 22.12
CA TYR A 53 -12.44 13.88 23.02
C TYR A 53 -11.96 13.71 24.46
N LEU A 54 -10.82 14.32 24.75
CA LEU A 54 -10.07 13.94 25.92
C LEU A 54 -10.64 14.49 27.24
N HIS A 55 -10.52 13.67 28.29
CA HIS A 55 -11.01 14.03 29.62
C HIS A 55 -9.91 13.81 30.64
N LYS A 56 -10.20 14.18 31.90
CA LYS A 56 -9.22 14.16 32.99
C LYS A 56 -8.48 12.84 33.07
N GLY A 57 -9.16 11.75 32.77
CA GLY A 57 -8.55 10.43 32.80
C GLY A 57 -7.44 10.22 31.77
N HIS A 58 -7.69 10.66 30.54
CA HIS A 58 -6.67 10.67 29.47
C HIS A 58 -5.48 11.51 29.88
N LEU A 59 -5.74 12.68 30.43
CA LEU A 59 -4.65 13.55 30.85
C LEU A 59 -3.81 12.93 31.97
N GLU A 60 -4.40 12.05 32.79
CA GLU A 60 -3.60 11.31 33.80
C GLU A 60 -2.73 10.26 33.12
N LEU A 61 -3.27 9.59 32.10
CA LEU A 61 -2.41 8.67 31.33
C LEU A 61 -1.24 9.44 30.76
N VAL A 62 -1.52 10.63 30.24
CA VAL A 62 -0.48 11.42 29.59
C VAL A 62 0.55 11.86 30.62
N ARG A 63 0.12 12.34 31.78
CA ARG A 63 1.07 12.72 32.86
C ARG A 63 2.01 11.55 33.22
N ARG A 64 1.44 10.37 33.50
CA ARG A 64 2.26 9.15 33.74
C ARG A 64 3.29 8.89 32.64
N ALA A 65 2.85 9.06 31.39
CA ALA A 65 3.71 8.84 30.27
C ALA A 65 4.84 9.87 30.31
N ARG A 66 4.46 11.12 30.59
CA ARG A 66 5.40 12.25 30.57
C ARG A 66 6.49 12.07 31.63
N VAL A 67 6.09 11.72 32.85
CA VAL A 67 7.09 11.59 33.94
C VAL A 67 7.96 10.36 33.76
N GLU A 68 7.48 9.35 33.05
CA GLU A 68 8.22 8.10 32.92
C GLU A 68 9.10 7.97 31.65
N ASN A 69 9.00 8.91 30.71
CA ASN A 69 9.64 8.77 29.41
C ASN A 69 10.26 10.07 28.88
N ASP A 70 11.23 9.93 27.98
CA ASP A 70 11.87 11.08 27.34
C ASP A 70 10.94 11.72 26.30
N VAL A 71 10.20 10.87 25.59
CA VAL A 71 9.34 11.29 24.49
C VAL A 71 7.94 10.76 24.76
N THR A 72 6.96 11.65 24.69
CA THR A 72 5.56 11.26 24.89
C THR A 72 4.75 11.41 23.61
N LEU A 73 4.06 10.34 23.20
CA LEU A 73 3.20 10.37 22.00
C LEU A 73 1.78 9.93 22.33
N VAL A 74 0.80 10.71 21.92
CA VAL A 74 -0.61 10.35 22.07
C VAL A 74 -1.23 10.11 20.69
N SER A 75 -2.00 9.05 20.53
CA SER A 75 -2.76 8.85 19.29
C SER A 75 -4.23 9.12 19.55
N ILE A 76 -4.87 9.79 18.58
CA ILE A 76 -6.30 10.04 18.55
C ILE A 76 -6.79 9.43 17.23
N PHE A 77 -7.57 8.35 17.37
CA PHE A 77 -8.12 7.64 16.24
C PHE A 77 -9.39 6.90 16.69
N VAL A 78 -10.53 7.28 16.14
CA VAL A 78 -11.77 6.56 16.41
C VAL A 78 -11.75 5.35 15.48
N ASN A 79 -11.41 4.19 16.05
CA ASN A 79 -11.10 3.01 15.28
C ASN A 79 -12.35 2.24 14.85
N PRO A 80 -12.73 2.27 13.55
CA PRO A 80 -14.05 1.71 13.20
C PRO A 80 -14.19 0.22 13.51
N LEU A 81 -13.08 -0.51 13.50
CA LEU A 81 -13.05 -1.95 13.83
C LEU A 81 -13.60 -2.33 15.24
N GLN A 82 -13.57 -1.41 16.21
CA GLN A 82 -14.07 -1.74 17.54
C GLN A 82 -15.49 -1.19 17.80
N PHE A 83 -16.17 -0.79 16.72
CA PHE A 83 -17.60 -0.40 16.80
C PHE A 83 -18.45 -1.39 16.04
N GLY A 84 -19.51 -1.88 16.67
CA GLY A 84 -20.46 -2.77 15.98
C GLY A 84 -21.31 -2.02 14.96
N ALA A 85 -21.99 -2.79 14.11
CA ALA A 85 -22.79 -2.21 13.03
C ALA A 85 -23.91 -1.28 13.57
N ASN A 86 -24.50 -1.57 14.73
CA ASN A 86 -25.54 -0.67 15.26
C ASN A 86 -25.17 0.12 16.51
N GLU A 87 -23.88 0.47 16.65
CA GLU A 87 -23.43 1.23 17.81
C GLU A 87 -23.27 2.69 17.42
N ASP A 88 -22.36 3.39 18.07
CA ASP A 88 -22.37 4.85 18.05
C ASP A 88 -21.22 5.46 17.25
N LEU A 89 -20.73 4.75 16.22
CA LEU A 89 -19.61 5.25 15.40
C LEU A 89 -19.90 6.61 14.75
N GLY A 90 -21.10 6.76 14.19
CA GLY A 90 -21.52 8.03 13.61
C GLY A 90 -21.53 9.21 14.58
N ARG A 91 -21.97 8.99 15.81
CA ARG A 91 -22.09 10.09 16.74
C ARG A 91 -21.00 10.15 17.81
N TYR A 92 -20.02 9.25 17.76
CA TYR A 92 -18.94 9.29 18.73
C TYR A 92 -18.30 10.70 18.72
N PRO A 93 -18.12 11.30 19.90
CA PRO A 93 -17.69 12.70 19.93
C PRO A 93 -16.29 12.94 19.40
N ARG A 94 -16.13 14.03 18.65
CA ARG A 94 -14.87 14.39 18.02
C ARG A 94 -14.62 15.89 18.13
N ASP A 95 -13.44 16.28 18.55
CA ASP A 95 -13.05 17.69 18.55
C ASP A 95 -11.54 17.75 18.67
N LEU A 96 -10.88 17.63 17.52
CA LEU A 96 -9.45 17.48 17.48
C LEU A 96 -8.76 18.78 17.88
N GLU A 97 -9.30 19.90 17.43
CA GLU A 97 -8.77 21.20 17.81
C GLU A 97 -8.68 21.31 19.36
N ARG A 98 -9.77 21.00 20.04
CA ARG A 98 -9.78 21.06 21.50
C ARG A 98 -8.81 20.06 22.09
N ASP A 99 -8.91 18.82 21.63
CA ASP A 99 -8.00 17.75 22.02
C ASP A 99 -6.54 18.17 21.88
N ALA A 100 -6.23 18.82 20.76
CA ALA A 100 -4.84 19.23 20.52
C ALA A 100 -4.40 20.33 21.50
N GLY A 101 -5.28 21.27 21.81
CA GLY A 101 -4.97 22.34 22.78
C GLY A 101 -4.61 21.78 24.16
N LEU A 102 -5.41 20.81 24.62
CA LEU A 102 -5.13 20.11 25.88
C LEU A 102 -3.80 19.37 25.89
N LEU A 103 -3.49 18.72 24.77
CA LEU A 103 -2.23 17.98 24.69
C LEU A 103 -1.00 18.91 24.58
N HIS A 104 -1.10 20.04 23.87
N HIS A 104 -1.12 20.01 23.84
CA HIS A 104 -0.02 21.00 23.86
CA HIS A 104 -0.12 21.09 23.82
C HIS A 104 0.28 21.47 25.30
C HIS A 104 0.25 21.44 25.26
N ASP A 105 -0.77 21.83 26.03
CA ASP A 105 -0.59 22.26 27.42
C ASP A 105 0.05 21.16 28.27
N ALA A 106 -0.35 19.91 28.04
CA ALA A 106 0.22 18.78 28.78
C ALA A 106 1.68 18.49 28.41
N GLN A 107 2.27 19.29 27.52
CA GLN A 107 3.66 19.05 27.09
C GLN A 107 3.90 17.72 26.33
N VAL A 108 2.91 17.30 25.55
CA VAL A 108 3.08 16.13 24.68
C VAL A 108 4.00 16.49 23.51
N ASP A 109 4.92 15.61 23.14
CA ASP A 109 5.79 15.84 21.99
C ASP A 109 5.09 15.64 20.64
N TYR A 110 4.37 14.51 20.52
CA TYR A 110 3.72 14.14 19.28
C TYR A 110 2.26 13.75 19.50
N LEU A 111 1.38 14.34 18.69
CA LEU A 111 0.02 13.88 18.51
C LEU A 111 -0.08 13.13 17.16
N PHE A 112 -0.32 11.83 17.20
CA PHE A 112 -0.65 11.07 15.98
C PHE A 112 -2.17 11.09 15.80
N ALA A 113 -2.63 11.83 14.80
CA ALA A 113 -4.07 12.01 14.54
C ALA A 113 -4.44 11.64 13.09
N PRO A 114 -4.41 10.33 12.77
CA PRO A 114 -4.62 9.90 11.37
C PRO A 114 -6.07 9.90 11.04
N THR A 115 -6.40 10.09 9.76
CA THR A 115 -7.74 9.83 9.27
C THR A 115 -7.82 8.31 9.04
N VAL A 116 -9.03 7.81 8.85
CA VAL A 116 -9.24 6.41 8.41
C VAL A 116 -8.39 6.03 7.20
N SER A 117 -8.30 6.93 6.23
CA SER A 117 -7.49 6.72 5.02
C SER A 117 -6.01 6.55 5.33
N ASP A 118 -5.51 7.26 6.34
CA ASP A 118 -4.11 7.17 6.74
C ASP A 118 -3.84 5.88 7.55
N MET A 119 -4.82 5.38 8.30
CA MET A 119 -4.61 4.20 9.14
C MET A 119 -4.90 2.91 8.37
N TYR A 120 -5.96 2.96 7.58
CA TYR A 120 -6.48 1.82 6.81
C TYR A 120 -6.61 2.22 5.31
N PRO A 121 -5.46 2.33 4.60
CA PRO A 121 -5.57 2.78 3.22
C PRO A 121 -6.34 1.76 2.37
N ARG A 122 -6.38 0.49 2.78
CA ARG A 122 -7.11 -0.57 2.13
C ARG A 122 -7.95 -1.30 3.19
N PRO A 123 -9.04 -1.97 2.75
CA PRO A 123 -9.73 -2.76 3.77
C PRO A 123 -8.81 -3.81 4.42
N MET A 124 -8.86 -3.85 5.75
CA MET A 124 -8.05 -4.77 6.49
C MET A 124 -8.53 -6.17 6.22
N GLN A 125 -7.58 -7.06 5.93
CA GLN A 125 -7.87 -8.50 5.86
C GLN A 125 -7.29 -9.30 7.02
N THR A 126 -6.47 -8.65 7.83
CA THR A 126 -5.80 -9.28 8.95
C THR A 126 -6.60 -8.93 10.21
N VAL A 127 -6.63 -9.85 11.17
CA VAL A 127 -7.30 -9.66 12.43
C VAL A 127 -6.41 -10.27 13.51
N VAL A 128 -6.22 -9.52 14.60
CA VAL A 128 -5.65 -10.06 15.82
C VAL A 128 -6.78 -10.22 16.86
N ASP A 129 -6.77 -11.34 17.60
CA ASP A 129 -7.82 -11.62 18.58
C ASP A 129 -7.27 -12.49 19.72
N VAL A 130 -7.94 -12.39 20.88
CA VAL A 130 -7.61 -13.19 22.08
C VAL A 130 -8.95 -13.77 22.56
N PRO A 131 -9.53 -14.67 21.75
CA PRO A 131 -10.89 -15.17 21.94
C PRO A 131 -11.19 -15.64 23.37
N PRO A 132 -10.26 -16.34 24.04
CA PRO A 132 -10.68 -16.71 25.38
C PRO A 132 -11.06 -15.50 26.25
N LEU A 133 -10.18 -14.51 26.33
CA LEU A 133 -10.40 -13.32 27.14
C LEU A 133 -11.43 -12.35 26.57
N GLY A 134 -11.63 -12.38 25.25
CA GLY A 134 -12.42 -11.36 24.58
C GLY A 134 -13.86 -11.72 24.30
N ASN A 135 -14.24 -12.99 24.42
CA ASN A 135 -15.60 -13.37 24.01
C ASN A 135 -16.61 -13.26 25.14
N GLN A 136 -16.13 -13.08 26.35
CA GLN A 136 -16.96 -12.97 27.54
C GLN A 136 -17.02 -11.54 28.05
N ILE A 137 -17.88 -11.35 29.06
CA ILE A 137 -18.15 -10.04 29.69
C ILE A 137 -18.63 -9.07 28.61
N GLU A 138 -17.94 -7.94 28.44
CA GLU A 138 -18.36 -6.91 27.49
C GLU A 138 -18.45 -7.49 26.08
N GLY A 139 -17.64 -8.53 25.83
CA GLY A 139 -17.57 -9.17 24.51
C GLY A 139 -18.73 -10.09 24.20
N GLU A 140 -19.50 -10.46 25.22
CA GLU A 140 -20.77 -11.14 25.03
C GLU A 140 -21.76 -10.12 24.47
N ALA A 141 -21.81 -8.94 25.10
CA ALA A 141 -22.68 -7.84 24.65
C ALA A 141 -22.25 -7.23 23.31
N ARG A 142 -20.93 -7.24 23.03
CA ARG A 142 -20.38 -6.59 21.82
C ARG A 142 -19.45 -7.53 21.02
N PRO A 143 -20.03 -8.46 20.23
CA PRO A 143 -19.21 -9.46 19.52
C PRO A 143 -18.27 -8.88 18.45
N GLY A 144 -16.99 -9.26 18.51
CA GLY A 144 -15.98 -8.73 17.59
C GLY A 144 -15.25 -7.54 18.19
N HIS A 145 -15.80 -6.95 19.25
CA HIS A 145 -15.30 -5.68 19.77
C HIS A 145 -13.82 -5.74 20.05
N PHE A 146 -13.42 -6.76 20.78
CA PHE A 146 -12.04 -6.83 21.24
C PHE A 146 -11.06 -7.28 20.19
N ALA A 147 -11.56 -7.96 19.16
CA ALA A 147 -10.75 -8.23 18.01
C ALA A 147 -10.41 -6.88 17.33
N GLY A 148 -11.36 -5.97 17.32
CA GLY A 148 -11.09 -4.63 16.79
C GLY A 148 -10.07 -3.93 17.61
N VAL A 149 -10.18 -4.06 18.93
CA VAL A 149 -9.24 -3.40 19.82
C VAL A 149 -7.83 -3.98 19.69
N ALA A 150 -7.75 -5.32 19.68
CA ALA A 150 -6.48 -6.00 19.64
C ALA A 150 -5.78 -5.74 18.30
N THR A 151 -6.58 -5.67 17.25
CA THR A 151 -6.04 -5.40 15.94
C THR A 151 -5.45 -3.99 15.88
N VAL A 152 -6.23 -2.97 16.22
CA VAL A 152 -5.72 -1.60 16.13
C VAL A 152 -4.52 -1.38 17.07
N VAL A 153 -4.54 -2.01 18.24
CA VAL A 153 -3.47 -1.82 19.18
C VAL A 153 -2.19 -2.46 18.70
N SER A 154 -2.25 -3.67 18.17
CA SER A 154 -1.07 -4.29 17.55
C SER A 154 -0.50 -3.40 16.44
N LYS A 155 -1.38 -2.78 15.65
CA LYS A 155 -0.94 -1.97 14.51
C LYS A 155 -0.28 -0.70 15.08
N LEU A 156 -0.93 -0.08 16.06
CA LEU A 156 -0.36 1.12 16.71
C LEU A 156 1.01 0.89 17.31
N PHE A 157 1.18 -0.26 17.94
CA PHE A 157 2.48 -0.63 18.52
C PHE A 157 3.53 -0.84 17.44
N ASN A 158 3.14 -1.48 16.33
CA ASN A 158 4.04 -1.61 15.17
C ASN A 158 4.48 -0.29 14.55
N ILE A 159 3.55 0.65 14.45
CA ILE A 159 3.76 2.00 13.93
C ILE A 159 4.70 2.81 14.85
N VAL A 160 4.39 2.81 16.16
CA VAL A 160 5.07 3.68 17.12
C VAL A 160 6.38 3.08 17.69
N GLY A 161 6.41 1.78 17.90
CA GLY A 161 7.54 1.16 18.57
C GLY A 161 7.81 1.75 19.94
N PRO A 162 6.77 1.84 20.79
CA PRO A 162 7.03 2.52 22.08
C PRO A 162 7.79 1.65 23.08
N ASP A 163 8.37 2.28 24.07
CA ASP A 163 8.96 1.53 25.19
C ASP A 163 7.87 1.14 26.16
N ALA A 164 6.93 2.04 26.38
CA ALA A 164 5.85 1.79 27.33
C ALA A 164 4.58 2.40 26.78
N ALA A 165 3.47 1.72 27.01
CA ALA A 165 2.14 2.16 26.59
C ALA A 165 1.22 2.15 27.79
N TYR A 166 0.28 3.10 27.81
CA TYR A 166 -0.52 3.45 28.97
C TYR A 166 -2.01 3.27 28.68
N PHE A 167 -2.64 2.40 29.45
CA PHE A 167 -4.08 2.11 29.35
C PHE A 167 -4.76 2.30 30.72
N GLY A 168 -6.01 2.72 30.69
CA GLY A 168 -6.77 2.95 31.93
C GLY A 168 -7.40 1.66 32.43
N GLU A 169 -7.36 1.47 33.74
CA GLU A 169 -8.03 0.37 34.42
C GLU A 169 -9.57 0.43 34.34
N LYS A 170 -10.13 1.57 34.00
CA LYS A 170 -11.60 1.63 33.78
C LYS A 170 -12.06 0.63 32.70
N ASP A 171 -11.23 0.44 31.65
CA ASP A 171 -11.47 -0.59 30.63
C ASP A 171 -10.64 -1.83 30.96
N PHE A 172 -11.10 -2.54 31.97
CA PHE A 172 -10.28 -3.51 32.65
C PHE A 172 -10.10 -4.74 31.79
N GLN A 173 -11.16 -5.20 31.12
CA GLN A 173 -11.04 -6.35 30.22
C GLN A 173 -10.05 -6.03 29.10
N GLN A 174 -10.17 -4.83 28.55
CA GLN A 174 -9.25 -4.35 27.51
C GLN A 174 -7.80 -4.49 27.92
N LEU A 175 -7.50 -4.01 29.12
CA LEU A 175 -6.15 -4.03 29.68
C LEU A 175 -5.63 -5.45 29.84
N VAL A 176 -6.45 -6.32 30.39
CA VAL A 176 -6.03 -7.74 30.52
C VAL A 176 -5.73 -8.40 29.16
N ILE A 177 -6.59 -8.13 28.20
CA ILE A 177 -6.44 -8.62 26.83
C ILE A 177 -5.13 -8.10 26.16
N ILE A 178 -4.85 -6.82 26.32
CA ILE A 178 -3.63 -6.21 25.77
C ILE A 178 -2.37 -6.79 26.44
N ARG A 179 -2.42 -6.99 27.76
CA ARG A 179 -1.28 -7.60 28.46
C ARG A 179 -1.03 -8.99 27.92
N ARG A 180 -2.11 -9.75 27.74
CA ARG A 180 -2.02 -11.06 27.22
CA ARG A 180 -1.97 -11.11 27.24
C ARG A 180 -1.42 -11.14 25.80
N MET A 181 -2.03 -10.34 24.93
CA MET A 181 -1.55 -10.11 23.54
C MET A 181 -0.06 -9.77 23.50
N VAL A 182 0.33 -8.74 24.24
CA VAL A 182 1.73 -8.34 24.37
C VAL A 182 2.65 -9.49 24.82
N ASP A 183 2.22 -10.23 25.84
CA ASP A 183 2.97 -11.42 26.30
C ASP A 183 3.06 -12.53 25.26
N ASP A 184 1.92 -12.96 24.75
CA ASP A 184 1.84 -14.03 23.74
C ASP A 184 2.61 -13.74 22.45
N MET A 185 2.66 -12.47 22.07
CA MET A 185 3.23 -12.08 20.78
C MET A 185 4.64 -11.50 20.95
N ALA A 186 5.15 -11.56 22.18
CA ALA A 186 6.47 -11.05 22.49
C ALA A 186 6.66 -9.64 21.95
N ILE A 187 5.61 -8.84 22.04
CA ILE A 187 5.69 -7.45 21.63
C ILE A 187 6.55 -6.74 22.67
N PRO A 188 7.62 -6.06 22.23
CA PRO A 188 8.55 -5.44 23.18
C PRO A 188 8.08 -4.10 23.75
N VAL A 189 6.95 -4.09 24.42
CA VAL A 189 6.44 -2.90 25.08
C VAL A 189 6.11 -3.20 26.54
N ARG A 190 6.38 -2.24 27.43
CA ARG A 190 5.91 -2.31 28.80
C ARG A 190 4.51 -1.72 28.87
N ILE A 191 3.56 -2.52 29.33
CA ILE A 191 2.17 -2.12 29.45
C ILE A 191 1.91 -1.59 30.86
N VAL A 192 1.32 -0.40 30.93
CA VAL A 192 1.09 0.27 32.20
C VAL A 192 -0.39 0.56 32.40
N GLY A 193 -0.97 -0.05 33.44
CA GLY A 193 -2.35 0.21 33.83
C GLY A 193 -2.41 1.33 34.84
N VAL A 194 -3.33 2.28 34.64
CA VAL A 194 -3.39 3.49 35.45
C VAL A 194 -4.77 3.59 36.08
N GLU A 195 -4.80 3.77 37.40
CA GLU A 195 -6.04 3.76 38.19
C GLU A 195 -7.11 4.66 37.63
N THR A 196 -8.31 4.09 37.52
CA THR A 196 -9.50 4.80 37.08
C THR A 196 -9.67 6.16 37.70
N VAL A 197 -9.61 7.19 36.87
CA VAL A 197 -9.69 8.55 37.35
C VAL A 197 -11.16 8.89 37.38
N ARG A 198 -11.61 9.48 38.49
CA ARG A 198 -13.04 9.65 38.72
C ARG A 198 -13.41 11.12 38.86
N GLU A 199 -14.61 11.44 38.38
CA GLU A 199 -15.14 12.78 38.52
C GLU A 199 -15.42 13.13 40.00
N ASP A 200 -15.58 14.43 40.25
CA ASP A 200 -15.97 14.98 41.56
C ASP A 200 -16.76 14.01 42.47
N ASP A 201 -17.85 13.47 41.92
CA ASP A 201 -18.83 12.69 42.69
C ASP A 201 -18.68 11.16 42.58
N GLY A 202 -17.60 10.69 41.95
CA GLY A 202 -17.30 9.25 41.87
C GLY A 202 -17.48 8.57 40.52
N LEU A 203 -18.10 9.24 39.56
CA LEU A 203 -18.31 8.63 38.25
C LEU A 203 -16.99 8.48 37.46
N ALA A 204 -16.80 7.32 36.85
CA ALA A 204 -15.63 7.07 36.00
C ALA A 204 -15.67 7.98 34.79
N CYS A 205 -14.61 8.78 34.62
CA CYS A 205 -14.48 9.65 33.43
C CYS A 205 -14.55 8.80 32.16
N SER A 206 -15.33 9.26 31.19
CA SER A 206 -15.43 8.57 29.92
C SER A 206 -16.01 9.54 28.92
N SER A 207 -15.44 9.56 27.71
CA SER A 207 -15.90 10.43 26.63
C SER A 207 -17.39 10.28 26.36
N ARG A 208 -17.87 9.04 26.40
CA ARG A 208 -19.29 8.78 26.13
C ARG A 208 -20.24 9.41 27.17
N ASN A 209 -19.70 9.87 28.31
CA ASN A 209 -20.52 10.52 29.33
C ASN A 209 -21.27 11.73 28.80
N VAL A 210 -20.80 12.30 27.69
CA VAL A 210 -21.44 13.45 27.09
C VAL A 210 -22.76 13.10 26.40
N TYR A 211 -23.09 11.82 26.27
CA TYR A 211 -24.44 11.49 25.81
C TYR A 211 -25.50 11.68 26.95
N LEU A 212 -25.06 11.67 28.21
CA LEU A 212 -25.97 11.70 29.37
C LEU A 212 -26.59 13.07 29.65
N THR A 213 -27.92 13.12 29.80
CA THR A 213 -28.61 14.31 30.33
C THR A 213 -28.25 14.46 31.83
N PRO A 214 -28.57 15.64 32.42
CA PRO A 214 -28.36 15.82 33.86
C PRO A 214 -29.06 14.77 34.71
N GLU A 215 -30.30 14.40 34.36
CA GLU A 215 -31.03 13.42 35.16
C GLU A 215 -30.26 12.10 35.17
N GLN A 216 -29.86 11.67 33.97
CA GLN A 216 -29.16 10.42 33.80
C GLN A 216 -27.81 10.50 34.53
N ARG A 217 -27.16 11.65 34.43
CA ARG A 217 -25.90 11.88 35.10
C ARG A 217 -26.05 11.78 36.63
N ARG A 218 -27.21 12.17 37.16
CA ARG A 218 -27.54 11.98 38.58
C ARG A 218 -27.83 10.49 38.84
N ALA A 219 -28.57 9.86 37.94
CA ALA A 219 -28.86 8.42 38.03
C ALA A 219 -27.60 7.50 37.90
N ALA A 220 -26.53 8.00 37.30
CA ALA A 220 -25.34 7.19 37.00
C ALA A 220 -24.45 6.96 38.22
N ILE A 221 -24.71 7.70 39.31
CA ILE A 221 -23.97 7.51 40.56
C ILE A 221 -24.24 6.10 41.14
N ILE A 222 -25.32 5.45 40.68
CA ILE A 222 -25.59 4.06 41.00
C ILE A 222 -24.31 3.22 40.88
N VAL A 223 -23.67 3.35 39.71
CA VAL A 223 -22.58 2.48 39.29
C VAL A 223 -21.38 2.51 40.25
N PRO A 224 -20.86 3.70 40.57
CA PRO A 224 -19.78 3.71 41.59
C PRO A 224 -20.21 3.19 42.98
N GLN A 225 -21.43 3.53 43.41
CA GLN A 225 -21.97 3.09 44.71
C GLN A 225 -22.10 1.56 44.76
N ALA A 226 -22.65 0.98 43.68
CA ALA A 226 -22.73 -0.48 43.53
C ALA A 226 -21.39 -1.20 43.73
N LEU A 227 -20.28 -0.55 43.38
CA LEU A 227 -18.96 -1.17 43.54
C LEU A 227 -18.52 -1.07 45.00
N ASP A 228 -18.79 0.08 45.64
CA ASP A 228 -18.64 0.25 47.10
C ASP A 228 -19.48 -0.77 47.88
N GLU A 229 -20.65 -1.15 47.33
CA GLU A 229 -21.53 -2.13 47.99
C GLU A 229 -20.86 -3.52 48.03
N ALA A 230 -20.44 -4.00 46.86
CA ALA A 230 -19.79 -5.29 46.75
C ALA A 230 -18.45 -5.29 47.50
N ASP A 231 -17.89 -4.09 47.70
CA ASP A 231 -16.66 -3.93 48.48
C ASP A 231 -16.86 -4.38 49.94
N ARG A 232 -17.88 -3.82 50.60
CA ARG A 232 -18.15 -4.12 52.02
C ARG A 232 -18.85 -5.47 52.20
N LEU A 233 -19.63 -5.88 51.20
CA LEU A 233 -20.21 -7.22 51.14
C LEU A 233 -19.09 -8.24 51.19
N TYR A 234 -18.11 -8.09 50.32
CA TYR A 234 -16.93 -8.94 50.37
C TYR A 234 -16.24 -8.80 51.73
N ARG A 235 -16.12 -7.56 52.21
CA ARG A 235 -15.58 -7.27 53.55
C ARG A 235 -16.43 -7.86 54.68
N SER A 236 -17.75 -8.02 54.45
CA SER A 236 -18.66 -8.64 55.43
C SER A 236 -18.47 -10.16 55.55
N GLY A 237 -17.78 -10.76 54.57
CA GLY A 237 -17.51 -12.20 54.56
C GLY A 237 -18.37 -13.01 53.60
N MET A 238 -19.12 -12.32 52.72
CA MET A 238 -19.89 -13.00 51.68
C MET A 238 -19.00 -13.89 50.79
N ASP A 239 -19.58 -15.01 50.35
CA ASP A 239 -18.84 -16.01 49.60
C ASP A 239 -19.77 -16.89 48.76
N ASP A 240 -20.31 -16.32 47.71
CA ASP A 240 -20.98 -17.09 46.67
C ASP A 240 -21.03 -16.14 45.49
N PRO A 241 -20.37 -16.51 44.37
CA PRO A 241 -20.44 -15.65 43.19
C PRO A 241 -21.83 -15.11 42.95
N ASP A 242 -22.83 -15.99 42.91
CA ASP A 242 -24.19 -15.61 42.53
C ASP A 242 -24.90 -14.77 43.60
N ALA A 243 -24.55 -15.02 44.86
CA ALA A 243 -25.05 -14.22 45.98
C ALA A 243 -24.45 -12.82 45.94
N LEU A 244 -23.21 -12.70 45.46
CA LEU A 244 -22.60 -11.38 45.22
C LEU A 244 -23.25 -10.69 44.01
N GLU A 245 -23.55 -11.46 42.97
CA GLU A 245 -24.16 -10.91 41.76
C GLU A 245 -25.57 -10.38 42.01
N ALA A 246 -26.41 -11.21 42.62
CA ALA A 246 -27.81 -10.81 42.90
C ALA A 246 -27.89 -9.60 43.84
N ALA A 247 -26.99 -9.55 44.83
CA ALA A 247 -26.86 -8.38 45.70
C ALA A 247 -26.53 -7.11 44.92
N ILE A 248 -25.75 -7.26 43.83
CA ILE A 248 -25.44 -6.15 42.94
C ILE A 248 -26.64 -5.84 42.03
N ARG A 249 -27.21 -6.85 41.36
CA ARG A 249 -28.28 -6.62 40.37
C ARG A 249 -29.55 -5.97 40.95
N THR A 250 -29.76 -6.15 42.26
CA THR A 250 -30.86 -5.53 43.00
C THR A 250 -30.49 -4.17 43.62
N PHE A 251 -29.21 -4.01 44.01
CA PHE A 251 -28.71 -2.71 44.51
C PHE A 251 -28.77 -1.65 43.41
N ILE A 252 -28.55 -2.08 42.16
CA ILE A 252 -28.67 -1.21 40.99
C ILE A 252 -30.11 -1.11 40.46
N GLY A 253 -30.95 -2.10 40.79
CA GLY A 253 -32.39 -2.03 40.50
C GLY A 253 -33.10 -0.86 41.19
N ARG A 254 -32.55 -0.47 42.36
CA ARG A 254 -33.02 0.71 43.13
C ARG A 254 -33.07 2.02 42.31
N GLN A 255 -32.21 2.12 41.30
CA GLN A 255 -32.23 3.18 40.29
C GLN A 255 -32.83 2.62 38.98
N PRO A 256 -34.11 2.94 38.69
CA PRO A 256 -34.86 2.46 37.52
C PRO A 256 -34.17 2.64 36.17
N LEU A 257 -33.63 3.85 35.93
CA LEU A 257 -32.99 4.18 34.65
C LEU A 257 -31.98 3.12 34.14
N ALA A 258 -31.22 2.51 35.05
CA ALA A 258 -30.18 1.52 34.68
C ALA A 258 -30.71 0.21 34.08
N VAL A 259 -30.33 -0.10 32.84
CA VAL A 259 -30.67 -1.38 32.17
C VAL A 259 -29.39 -2.23 31.96
N PRO A 260 -28.86 -2.82 33.06
CA PRO A 260 -27.66 -3.68 32.99
C PRO A 260 -27.70 -4.76 31.91
N GLU A 261 -26.73 -4.70 30.99
CA GLU A 261 -26.52 -5.72 29.97
C GLU A 261 -25.43 -6.71 30.40
N VAL A 262 -24.64 -6.36 31.43
CA VAL A 262 -23.69 -7.28 32.06
C VAL A 262 -23.35 -6.88 33.52
N ILE A 263 -23.56 -7.83 34.43
CA ILE A 263 -23.02 -7.75 35.78
C ILE A 263 -22.15 -9.00 35.91
N ALA A 264 -20.85 -8.83 36.11
CA ALA A 264 -19.93 -9.95 36.04
C ALA A 264 -18.97 -10.05 37.25
N ILE A 265 -18.88 -11.25 37.82
CA ILE A 265 -17.95 -11.54 38.92
C ILE A 265 -16.95 -12.57 38.41
N ARG A 266 -15.68 -12.21 38.39
CA ARG A 266 -14.68 -12.99 37.69
C ARG A 266 -13.32 -12.95 38.35
N ASP A 267 -12.54 -13.98 38.05
CA ASP A 267 -11.11 -14.01 38.33
C ASP A 267 -10.50 -12.81 37.60
N PRO A 268 -9.82 -11.91 38.34
CA PRO A 268 -9.28 -10.72 37.67
C PRO A 268 -8.21 -10.99 36.60
N GLU A 269 -7.56 -12.15 36.67
CA GLU A 269 -6.50 -12.50 35.71
C GLU A 269 -6.97 -13.24 34.47
N THR A 270 -7.75 -14.31 34.67
CA THR A 270 -8.22 -15.14 33.57
C THR A 270 -9.59 -14.73 33.06
N LEU A 271 -10.24 -13.81 33.79
CA LEU A 271 -11.63 -13.42 33.56
C LEU A 271 -12.64 -14.59 33.54
N GLU A 272 -12.24 -15.77 34.02
CA GLU A 272 -13.14 -16.92 34.07
C GLU A 272 -13.95 -16.85 35.37
N ARG A 273 -15.13 -17.47 35.39
CA ARG A 273 -15.98 -17.48 36.58
C ARG A 273 -15.32 -18.24 37.76
N LEU A 274 -15.74 -17.88 38.97
CA LEU A 274 -15.17 -18.46 40.19
C LEU A 274 -16.13 -19.48 40.87
N PRO A 275 -15.61 -20.25 41.84
CA PRO A 275 -16.44 -21.07 42.75
C PRO A 275 -16.75 -20.35 44.08
N ALA A 276 -15.73 -19.75 44.69
CA ALA A 276 -15.86 -18.99 45.94
C ALA A 276 -15.13 -17.66 45.80
N LEU A 277 -15.34 -16.75 46.78
CA LEU A 277 -14.80 -15.39 46.73
C LEU A 277 -13.73 -15.16 47.77
N GLN A 278 -14.04 -15.45 49.03
CA GLN A 278 -13.14 -15.11 50.14
C GLN A 278 -11.70 -15.56 49.95
N GLY A 279 -10.77 -14.75 50.45
CA GLY A 279 -9.35 -15.08 50.35
C GLY A 279 -8.81 -15.16 48.92
N ARG A 280 -9.51 -14.54 47.97
CA ARG A 280 -8.98 -14.36 46.60
C ARG A 280 -9.52 -13.07 45.98
N PRO A 281 -8.66 -12.32 45.28
CA PRO A 281 -9.17 -11.12 44.65
C PRO A 281 -10.22 -11.48 43.63
N ILE A 282 -11.31 -10.72 43.61
CA ILE A 282 -12.31 -10.86 42.58
C ILE A 282 -12.41 -9.54 41.84
N LEU A 283 -12.86 -9.63 40.59
CA LEU A 283 -13.18 -8.47 39.79
C LEU A 283 -14.69 -8.39 39.66
N VAL A 284 -15.24 -7.21 39.95
CA VAL A 284 -16.63 -6.92 39.67
C VAL A 284 -16.66 -5.97 38.48
N ALA A 285 -17.37 -6.37 37.43
CA ALA A 285 -17.44 -5.64 36.16
C ALA A 285 -18.88 -5.37 35.85
N LEU A 286 -19.20 -4.09 35.64
CA LEU A 286 -20.57 -3.64 35.44
C LEU A 286 -20.72 -2.93 34.10
N PHE A 287 -21.40 -3.57 33.15
CA PHE A 287 -21.79 -2.90 31.92
C PHE A 287 -23.27 -2.50 32.02
N VAL A 288 -23.50 -1.29 32.53
CA VAL A 288 -24.83 -0.78 32.87
C VAL A 288 -25.23 0.36 31.93
N ARG A 289 -26.25 0.13 31.09
CA ARG A 289 -26.81 1.21 30.25
C ARG A 289 -27.74 2.14 31.03
N VAL A 290 -27.48 3.45 30.97
CA VAL A 290 -28.41 4.47 31.43
C VAL A 290 -28.77 5.36 30.23
N GLY A 291 -30.00 5.26 29.76
CA GLY A 291 -30.44 6.04 28.60
C GLY A 291 -29.89 5.51 27.29
N ALA A 292 -29.03 6.29 26.63
CA ALA A 292 -28.43 5.90 25.34
C ALA A 292 -26.96 5.50 25.53
N THR A 293 -26.50 5.57 26.78
CA THR A 293 -25.10 5.46 27.09
C THR A 293 -24.82 4.17 27.86
N ARG A 294 -23.85 3.41 27.38
CA ARG A 294 -23.48 2.14 28.00
C ARG A 294 -22.30 2.38 28.92
N LEU A 295 -22.58 2.60 30.21
CA LEU A 295 -21.53 2.93 31.18
C LEU A 295 -20.84 1.68 31.71
N LEU A 296 -19.51 1.69 31.70
CA LEU A 296 -18.72 0.56 32.16
C LEU A 296 -18.00 0.98 33.43
N ASP A 297 -17.88 0.05 34.38
CA ASP A 297 -17.01 0.28 35.54
C ASP A 297 -16.57 -1.04 36.17
N ASN A 298 -15.44 -1.01 36.89
CA ASN A 298 -14.82 -2.22 37.40
C ASN A 298 -14.13 -1.99 38.72
N ARG A 299 -14.10 -3.00 39.57
CA ARG A 299 -13.20 -2.97 40.73
C ARG A 299 -12.68 -4.36 41.07
N VAL A 300 -11.41 -4.40 41.45
CA VAL A 300 -10.80 -5.58 42.00
C VAL A 300 -10.96 -5.49 43.52
N ILE A 301 -11.54 -6.53 44.12
CA ILE A 301 -11.88 -6.53 45.55
C ILE A 301 -11.24 -7.74 46.22
N GLY A 302 -10.56 -7.50 47.34
CA GLY A 302 -9.92 -8.57 48.12
C GLY A 302 -8.50 -8.86 47.67
N HIS A 303 -7.95 -9.98 48.13
CA HIS A 303 -6.54 -10.34 47.89
C HIS A 303 -6.22 -11.77 48.37
N SER B 21 0.09 39.34 2.93
CA SER B 21 -0.83 39.39 1.75
C SER B 21 -0.68 38.15 0.86
N MET B 22 -1.79 37.63 0.36
CA MET B 22 -1.74 36.48 -0.57
C MET B 22 -1.07 36.92 -1.86
N GLN B 23 -0.10 36.16 -2.35
CA GLN B 23 0.50 36.38 -3.66
C GLN B 23 -0.19 35.58 -4.73
N ILE B 24 -0.49 36.24 -5.85
CA ILE B 24 -1.10 35.61 -7.02
C ILE B 24 -0.03 35.44 -8.10
N ILE B 25 0.18 34.21 -8.57
CA ILE B 25 1.16 33.87 -9.60
C ILE B 25 0.42 33.17 -10.74
N HIS B 26 0.96 33.31 -11.94
CA HIS B 26 0.36 32.79 -13.15
C HIS B 26 1.20 31.76 -13.84
N THR B 27 2.52 31.82 -13.73
CA THR B 27 3.37 30.90 -14.48
C THR B 27 4.00 29.87 -13.59
N ILE B 28 4.34 28.73 -14.20
CA ILE B 28 4.98 27.63 -13.49
C ILE B 28 6.31 28.04 -12.88
N GLU B 29 7.16 28.69 -13.66
CA GLU B 29 8.44 29.13 -13.13
C GLU B 29 8.32 30.18 -12.03
N GLU B 30 7.36 31.11 -12.13
CA GLU B 30 7.10 32.05 -11.03
C GLU B 30 6.62 31.31 -9.77
N LEU B 31 5.82 30.25 -9.92
CA LEU B 31 5.35 29.52 -8.75
C LEU B 31 6.51 28.82 -8.08
N ARG B 32 7.34 28.17 -8.88
CA ARG B 32 8.46 27.43 -8.36
C ARG B 32 9.40 28.36 -7.58
N GLN B 33 9.71 29.52 -8.16
CA GLN B 33 10.57 30.49 -7.48
C GLN B 33 9.94 31.02 -6.18
N ALA B 34 8.64 31.32 -6.23
CA ALA B 34 7.88 31.74 -5.06
C ALA B 34 7.92 30.74 -3.90
N LEU B 35 7.99 29.45 -4.19
CA LEU B 35 7.97 28.44 -3.15
C LEU B 35 9.37 28.04 -2.72
N ALA B 36 10.39 28.58 -3.36
CA ALA B 36 11.74 28.10 -3.08
C ALA B 36 12.14 28.36 -1.59
N PRO B 37 11.71 29.48 -1.01
CA PRO B 37 12.05 29.75 0.40
C PRO B 37 11.34 28.82 1.38
N ALA B 38 10.07 28.55 1.14
CA ALA B 38 9.39 27.50 1.93
C ALA B 38 10.12 26.15 1.84
N ARG B 39 10.58 25.75 0.67
CA ARG B 39 11.36 24.51 0.53
C ARG B 39 12.65 24.59 1.37
N GLN B 40 13.32 25.73 1.27
CA GLN B 40 14.60 25.93 2.01
C GLN B 40 14.37 25.88 3.52
N GLN B 41 13.24 26.42 3.99
CA GLN B 41 12.89 26.38 5.41
C GLN B 41 12.25 25.09 5.87
N GLY B 42 12.03 24.14 4.95
CA GLY B 42 11.41 22.87 5.36
C GLY B 42 9.96 23.08 5.82
N LYS B 43 9.30 24.07 5.26
CA LYS B 43 7.89 24.31 5.51
C LYS B 43 6.97 23.24 4.88
N LYS B 44 5.90 22.90 5.60
CA LYS B 44 4.89 21.98 5.07
C LYS B 44 3.98 22.77 4.17
N ILE B 45 3.80 22.30 2.95
CA ILE B 45 2.96 22.92 1.95
C ILE B 45 1.66 22.16 1.70
N GLY B 46 0.56 22.84 1.93
CA GLY B 46 -0.78 22.35 1.72
C GLY B 46 -1.36 22.90 0.44
N PHE B 47 -1.97 22.02 -0.36
CA PHE B 47 -2.39 22.39 -1.68
C PHE B 47 -3.87 22.06 -1.85
N VAL B 48 -4.66 23.05 -2.30
CA VAL B 48 -6.08 22.85 -2.59
C VAL B 48 -6.32 23.19 -4.09
N PRO B 49 -6.38 22.18 -4.97
CA PRO B 49 -6.69 22.47 -6.37
C PRO B 49 -8.20 22.66 -6.59
N THR B 50 -8.59 23.66 -7.39
CA THR B 50 -9.98 24.02 -7.66
C THR B 50 -10.11 24.55 -9.09
N MET B 51 -11.35 24.68 -9.50
CA MET B 51 -11.65 25.31 -10.75
C MET B 51 -12.33 26.67 -10.55
N GLY B 52 -12.15 27.27 -9.39
CA GLY B 52 -12.74 28.58 -9.13
C GLY B 52 -14.19 28.49 -8.75
N TYR B 53 -14.88 29.64 -8.82
CA TYR B 53 -16.30 29.69 -8.43
C TYR B 53 -16.43 29.11 -7.05
N LEU B 54 -15.67 29.69 -6.13
CA LEU B 54 -15.47 29.17 -4.81
C LEU B 54 -16.68 29.36 -3.90
N HIS B 55 -16.93 28.41 -3.04
CA HIS B 55 -18.04 28.47 -2.10
C HIS B 55 -17.51 27.97 -0.78
N LYS B 56 -18.38 27.89 0.22
CA LYS B 56 -17.99 27.51 1.58
C LYS B 56 -17.28 26.16 1.71
N GLY B 57 -17.61 25.19 0.86
CA GLY B 57 -16.89 23.91 0.84
C GLY B 57 -15.40 24.07 0.52
N HIS B 58 -15.11 24.90 -0.46
CA HIS B 58 -13.72 25.22 -0.81
C HIS B 58 -12.99 25.85 0.38
N LEU B 59 -13.67 26.74 1.07
CA LEU B 59 -13.11 27.42 2.24
C LEU B 59 -12.81 26.44 3.38
N GLU B 60 -13.63 25.41 3.54
CA GLU B 60 -13.28 24.36 4.51
C GLU B 60 -12.05 23.55 4.04
N LEU B 61 -11.89 23.35 2.74
CA LEU B 61 -10.65 22.72 2.26
C LEU B 61 -9.44 23.57 2.66
N VAL B 62 -9.53 24.87 2.42
CA VAL B 62 -8.49 25.82 2.78
C VAL B 62 -8.22 25.77 4.28
N ARG B 63 -9.28 25.74 5.08
CA ARG B 63 -9.16 25.74 6.53
C ARG B 63 -8.48 24.48 7.00
N ARG B 64 -8.83 23.31 6.46
CA ARG B 64 -8.07 22.11 6.79
C ARG B 64 -6.62 22.26 6.44
N ALA B 65 -6.35 22.73 5.25
CA ALA B 65 -4.97 22.82 4.79
C ALA B 65 -4.14 23.66 5.74
N ARG B 66 -4.70 24.81 6.15
CA ARG B 66 -4.00 25.74 7.03
C ARG B 66 -3.78 25.16 8.41
N VAL B 67 -4.72 24.36 8.90
CA VAL B 67 -4.53 23.64 10.18
C VAL B 67 -3.31 22.75 10.13
N GLU B 68 -3.06 22.10 9.00
CA GLU B 68 -2.07 21.02 8.96
C GLU B 68 -0.77 21.38 8.29
N ASN B 69 -0.67 22.59 7.71
CA ASN B 69 0.54 22.97 6.98
C ASN B 69 1.01 24.37 7.34
N ASP B 70 2.26 24.70 7.01
CA ASP B 70 2.84 26.04 7.26
C ASP B 70 2.50 27.05 6.19
N VAL B 71 2.32 26.56 4.97
CA VAL B 71 2.05 27.38 3.83
C VAL B 71 0.91 26.70 3.07
N THR B 72 -0.09 27.51 2.63
CA THR B 72 -1.22 27.00 1.83
C THR B 72 -1.37 27.66 0.46
N LEU B 73 -1.43 26.79 -0.56
CA LEU B 73 -1.50 27.22 -1.95
C LEU B 73 -2.80 26.68 -2.56
N VAL B 74 -3.57 27.56 -3.18
CA VAL B 74 -4.78 27.16 -3.92
C VAL B 74 -4.52 27.44 -5.39
N SER B 75 -4.92 26.50 -6.25
CA SER B 75 -4.97 26.75 -7.67
C SER B 75 -6.41 26.99 -8.13
N ILE B 76 -6.54 27.89 -9.08
CA ILE B 76 -7.77 28.05 -9.85
C ILE B 76 -7.41 27.86 -11.30
N PHE B 77 -7.90 26.79 -11.90
CA PHE B 77 -7.70 26.53 -13.29
C PHE B 77 -8.87 25.67 -13.81
N VAL B 78 -9.56 26.18 -14.83
CA VAL B 78 -10.60 25.44 -15.52
C VAL B 78 -9.86 24.68 -16.62
N ASN B 79 -9.72 23.38 -16.41
CA ASN B 79 -8.84 22.51 -17.21
C ASN B 79 -9.53 21.96 -18.46
N PRO B 80 -9.07 22.36 -19.67
CA PRO B 80 -9.77 21.86 -20.87
C PRO B 80 -9.70 20.33 -21.08
N LEU B 81 -8.71 19.66 -20.49
CA LEU B 81 -8.57 18.21 -20.67
C LEU B 81 -9.70 17.42 -20.00
N GLN B 82 -10.39 18.01 -19.03
CA GLN B 82 -11.56 17.34 -18.42
C GLN B 82 -12.89 17.87 -19.00
N PHE B 83 -12.81 18.62 -20.10
CA PHE B 83 -13.98 18.87 -20.95
C PHE B 83 -13.66 18.34 -22.34
N GLY B 84 -14.66 18.35 -23.24
CA GLY B 84 -14.46 17.88 -24.61
C GLY B 84 -13.67 18.89 -25.44
N ALA B 85 -13.20 18.49 -26.61
CA ALA B 85 -12.53 19.42 -27.54
C ALA B 85 -13.50 20.49 -28.13
N ASN B 86 -13.94 21.43 -27.29
CA ASN B 86 -14.77 22.59 -27.68
C ASN B 86 -15.43 23.25 -26.46
N LEU B 96 -13.43 35.70 -10.50
CA LEU B 96 -11.96 35.73 -10.33
C LEU B 96 -11.49 36.70 -9.22
N GLU B 97 -11.93 37.96 -9.31
CA GLU B 97 -11.61 38.97 -8.31
C GLU B 97 -12.35 38.60 -7.03
N ARG B 98 -13.54 38.06 -7.22
CA ARG B 98 -14.32 37.49 -6.14
C ARG B 98 -13.59 36.31 -5.50
N ASP B 99 -13.17 35.34 -6.31
CA ASP B 99 -12.44 34.18 -5.78
C ASP B 99 -11.20 34.64 -5.01
N ALA B 100 -10.39 35.50 -5.60
CA ALA B 100 -9.16 35.93 -4.93
C ALA B 100 -9.48 36.58 -3.59
N GLY B 101 -10.57 37.36 -3.54
CA GLY B 101 -10.98 38.07 -2.33
C GLY B 101 -11.29 37.08 -1.22
N LEU B 102 -12.05 36.04 -1.56
CA LEU B 102 -12.34 34.98 -0.61
C LEU B 102 -11.08 34.27 -0.10
N LEU B 103 -10.12 34.03 -1.00
CA LEU B 103 -8.89 33.32 -0.62
C LEU B 103 -8.02 34.27 0.23
N HIS B 104 -8.02 35.54 -0.14
CA HIS B 104 -7.31 36.59 0.63
C HIS B 104 -7.84 36.62 2.07
N ASP B 105 -9.16 36.66 2.23
CA ASP B 105 -9.78 36.65 3.57
C ASP B 105 -9.57 35.33 4.35
N ALA B 106 -9.50 34.22 3.63
CA ALA B 106 -9.17 32.93 4.24
C ALA B 106 -7.69 32.81 4.59
N GLN B 107 -6.86 33.81 4.31
CA GLN B 107 -5.42 33.77 4.69
C GLN B 107 -4.56 32.77 3.90
N VAL B 108 -4.87 32.62 2.62
CA VAL B 108 -4.10 31.77 1.73
C VAL B 108 -2.77 32.43 1.39
N ASP B 109 -1.69 31.66 1.32
CA ASP B 109 -0.37 32.25 1.07
C ASP B 109 -0.14 32.49 -0.41
N TYR B 110 -0.60 31.56 -1.25
CA TYR B 110 -0.41 31.64 -2.68
C TYR B 110 -1.65 31.19 -3.45
N LEU B 111 -2.03 31.98 -4.45
CA LEU B 111 -3.03 31.60 -5.44
C LEU B 111 -2.34 31.39 -6.79
N PHE B 112 -2.40 30.18 -7.33
CA PHE B 112 -1.86 29.89 -8.66
C PHE B 112 -3.03 29.94 -9.61
N ALA B 113 -3.03 30.94 -10.50
CA ALA B 113 -4.11 31.12 -11.48
C ALA B 113 -3.55 31.22 -12.88
N PRO B 114 -3.08 30.11 -13.44
CA PRO B 114 -2.53 30.20 -14.78
C PRO B 114 -3.63 30.33 -15.85
N THR B 115 -3.28 30.91 -16.99
CA THR B 115 -4.08 30.81 -18.21
C THR B 115 -3.85 29.43 -18.82
N VAL B 116 -4.71 29.04 -19.75
CA VAL B 116 -4.51 27.79 -20.46
C VAL B 116 -3.09 27.72 -21.03
N SER B 117 -2.59 28.81 -21.61
CA SER B 117 -1.25 28.79 -22.19
C SER B 117 -0.12 28.65 -21.17
N ASP B 118 -0.33 29.15 -19.96
CA ASP B 118 0.64 28.99 -18.88
C ASP B 118 0.76 27.53 -18.51
N MET B 119 -0.37 26.80 -18.56
CA MET B 119 -0.38 25.39 -18.21
C MET B 119 -0.03 24.50 -19.38
N TYR B 120 -0.60 24.81 -20.54
CA TYR B 120 -0.42 24.05 -21.76
C TYR B 120 0.06 24.95 -22.93
N PRO B 121 1.32 25.38 -22.94
CA PRO B 121 1.78 26.23 -24.10
C PRO B 121 1.71 25.51 -25.47
N ARG B 122 1.74 24.19 -25.45
CA ARG B 122 1.52 23.37 -26.63
C ARG B 122 0.64 22.24 -26.15
N PRO B 123 -0.04 21.55 -27.07
CA PRO B 123 -1.00 20.56 -26.64
C PRO B 123 -0.33 19.43 -25.89
N MET B 124 -1.00 18.93 -24.86
CA MET B 124 -0.59 17.76 -24.14
C MET B 124 -0.64 16.56 -25.05
N GLN B 125 0.47 15.85 -25.11
CA GLN B 125 0.47 14.52 -25.69
C GLN B 125 0.51 13.40 -24.63
N THR B 126 0.87 13.74 -23.39
CA THR B 126 0.98 12.79 -22.30
C THR B 126 -0.35 12.67 -21.64
N VAL B 127 -0.74 11.43 -21.34
CA VAL B 127 -1.98 11.14 -20.65
C VAL B 127 -1.67 10.26 -19.42
N VAL B 128 -2.25 10.62 -18.28
CA VAL B 128 -2.31 9.76 -17.11
C VAL B 128 -3.76 9.37 -16.94
N ASP B 129 -4.01 8.09 -16.67
CA ASP B 129 -5.38 7.56 -16.47
C ASP B 129 -5.35 6.45 -15.44
N VAL B 130 -6.51 6.16 -14.86
CA VAL B 130 -6.70 5.04 -13.95
C VAL B 130 -7.91 4.25 -14.46
N PRO B 131 -7.71 3.51 -15.56
CA PRO B 131 -8.87 3.01 -16.29
C PRO B 131 -9.88 2.16 -15.49
N PRO B 132 -9.43 1.22 -14.66
CA PRO B 132 -10.39 0.37 -13.98
C PRO B 132 -11.31 1.12 -13.00
N LEU B 133 -10.81 2.18 -12.40
CA LEU B 133 -11.66 3.04 -11.55
C LEU B 133 -12.42 4.02 -12.37
N GLY B 134 -11.80 4.53 -13.43
CA GLY B 134 -12.40 5.56 -14.23
C GLY B 134 -13.52 5.05 -15.11
N ASN B 135 -13.55 3.75 -15.32
CA ASN B 135 -14.60 3.21 -16.15
C ASN B 135 -15.82 2.77 -15.35
N GLN B 136 -15.86 3.12 -14.07
CA GLN B 136 -17.03 2.84 -13.26
C GLN B 136 -18.01 4.01 -13.25
N ILE B 137 -19.26 3.69 -12.88
CA ILE B 137 -20.31 4.70 -12.68
C ILE B 137 -20.54 5.54 -13.94
N GLU B 138 -20.30 6.84 -13.92
CA GLU B 138 -20.44 7.66 -15.11
C GLU B 138 -19.45 7.22 -16.20
N GLY B 139 -18.26 6.81 -15.77
CA GLY B 139 -17.26 6.28 -16.67
C GLY B 139 -17.65 5.01 -17.41
N GLU B 140 -18.82 4.44 -17.10
CA GLU B 140 -19.48 3.41 -17.91
C GLU B 140 -18.49 2.56 -18.72
N ALA B 141 -18.66 2.53 -20.05
CA ALA B 141 -17.62 2.00 -20.94
C ALA B 141 -17.23 3.12 -21.90
N ARG B 142 -16.08 3.75 -21.65
CA ARG B 142 -15.69 5.00 -22.33
C ARG B 142 -14.17 5.14 -22.56
N PRO B 143 -13.77 6.20 -23.29
CA PRO B 143 -12.37 6.64 -23.17
C PRO B 143 -12.12 7.04 -21.73
N GLY B 144 -10.89 7.44 -21.43
CA GLY B 144 -10.53 7.98 -20.13
C GLY B 144 -11.43 9.10 -19.68
N HIS B 145 -12.61 8.74 -19.20
CA HIS B 145 -13.52 9.70 -18.61
C HIS B 145 -12.82 10.55 -17.51
N PHE B 146 -11.86 9.95 -16.80
CA PHE B 146 -11.18 10.68 -15.71
C PHE B 146 -9.68 10.95 -15.97
N ALA B 147 -9.26 10.75 -17.22
CA ALA B 147 -7.91 10.97 -17.68
C ALA B 147 -7.52 12.44 -17.52
N GLY B 148 -8.44 13.33 -17.89
CA GLY B 148 -8.20 14.75 -17.77
C GLY B 148 -7.89 15.16 -16.34
N VAL B 149 -8.70 14.67 -15.41
CA VAL B 149 -8.52 14.91 -14.00
C VAL B 149 -7.18 14.33 -13.51
N ALA B 150 -6.89 13.07 -13.83
CA ALA B 150 -5.69 12.41 -13.35
C ALA B 150 -4.44 13.08 -13.90
N THR B 151 -4.50 13.47 -15.17
CA THR B 151 -3.41 14.15 -15.83
C THR B 151 -3.16 15.52 -15.21
N VAL B 152 -4.20 16.32 -15.05
CA VAL B 152 -3.96 17.69 -14.58
C VAL B 152 -3.56 17.70 -13.13
N VAL B 153 -4.10 16.79 -12.33
CA VAL B 153 -3.72 16.70 -10.95
C VAL B 153 -2.28 16.19 -10.85
N SER B 154 -1.86 15.20 -11.65
CA SER B 154 -0.44 14.79 -11.64
C SER B 154 0.46 15.95 -12.00
N LYS B 155 0.06 16.75 -12.97
CA LYS B 155 0.87 17.89 -13.38
C LYS B 155 0.95 18.97 -12.27
N LEU B 156 -0.18 19.27 -11.65
CA LEU B 156 -0.22 20.27 -10.58
C LEU B 156 0.65 19.85 -9.37
N PHE B 157 0.62 18.57 -8.99
CA PHE B 157 1.50 18.04 -7.96
C PHE B 157 2.97 18.23 -8.39
N ASN B 158 3.29 18.02 -9.67
CA ASN B 158 4.67 18.24 -10.11
C ASN B 158 5.07 19.72 -10.01
N ILE B 159 4.16 20.64 -10.30
CA ILE B 159 4.40 22.08 -10.25
C ILE B 159 4.52 22.56 -8.81
N VAL B 160 3.57 22.14 -7.99
CA VAL B 160 3.51 22.63 -6.61
C VAL B 160 4.46 21.94 -5.61
N GLY B 161 4.76 20.65 -5.84
CA GLY B 161 5.51 19.85 -4.85
C GLY B 161 4.97 19.92 -3.44
N PRO B 162 3.65 19.70 -3.29
CA PRO B 162 3.10 19.86 -1.97
C PRO B 162 3.41 18.70 -1.04
N ASP B 163 3.25 18.93 0.26
CA ASP B 163 3.25 17.83 1.21
C ASP B 163 1.89 17.15 1.33
N ALA B 164 0.82 17.93 1.23
CA ALA B 164 -0.51 17.37 1.35
C ALA B 164 -1.45 18.09 0.41
N ALA B 165 -2.42 17.35 -0.12
CA ALA B 165 -3.39 17.92 -1.02
C ALA B 165 -4.79 17.55 -0.55
N TYR B 166 -5.72 18.49 -0.68
CA TYR B 166 -7.03 18.39 -0.10
C TYR B 166 -8.10 18.43 -1.18
N PHE B 167 -9.02 17.48 -1.07
CA PHE B 167 -10.09 17.27 -2.03
C PHE B 167 -11.39 17.05 -1.28
N GLY B 168 -12.52 17.44 -1.85
CA GLY B 168 -13.82 17.18 -1.22
C GLY B 168 -14.28 15.75 -1.43
N GLU B 169 -14.84 15.13 -0.40
CA GLU B 169 -15.48 13.81 -0.57
C GLU B 169 -16.73 13.88 -1.44
N LYS B 170 -17.20 15.08 -1.69
CA LYS B 170 -18.30 15.36 -2.57
C LYS B 170 -18.02 14.70 -3.93
N ASP B 171 -16.79 14.82 -4.45
CA ASP B 171 -16.43 14.22 -5.73
C ASP B 171 -15.71 12.92 -5.48
N PHE B 172 -16.51 11.91 -5.11
CA PHE B 172 -15.99 10.69 -4.51
C PHE B 172 -15.14 9.89 -5.48
N GLN B 173 -15.54 9.82 -6.73
CA GLN B 173 -14.91 8.93 -7.70
C GLN B 173 -13.56 9.48 -8.03
N GLN B 174 -13.53 10.79 -8.26
CA GLN B 174 -12.33 11.55 -8.41
C GLN B 174 -11.29 11.29 -7.31
N LEU B 175 -11.74 11.41 -6.06
CA LEU B 175 -10.92 11.20 -4.90
C LEU B 175 -10.36 9.77 -4.88
N VAL B 176 -11.21 8.76 -5.09
CA VAL B 176 -10.73 7.37 -5.13
C VAL B 176 -9.67 7.17 -6.21
N ILE B 177 -9.90 7.82 -7.34
CA ILE B 177 -8.98 7.77 -8.48
C ILE B 177 -7.63 8.43 -8.16
N ILE B 178 -7.68 9.61 -7.56
CA ILE B 178 -6.45 10.30 -7.18
C ILE B 178 -5.64 9.53 -6.15
N ARG B 179 -6.29 8.99 -5.12
CA ARG B 179 -5.61 8.14 -4.15
C ARG B 179 -4.85 6.97 -4.79
N ARG B 180 -5.52 6.32 -5.75
CA ARG B 180 -4.98 5.18 -6.42
C ARG B 180 -3.81 5.56 -7.30
N MET B 181 -3.96 6.68 -7.99
CA MET B 181 -2.91 7.24 -8.80
C MET B 181 -1.70 7.60 -7.95
N VAL B 182 -1.96 8.21 -6.79
CA VAL B 182 -0.91 8.59 -5.88
C VAL B 182 -0.17 7.37 -5.37
N ASP B 183 -0.88 6.32 -4.95
CA ASP B 183 -0.22 5.08 -4.54
C ASP B 183 0.57 4.39 -5.68
N ASP B 184 -0.08 4.16 -6.82
CA ASP B 184 0.57 3.48 -7.98
C ASP B 184 1.85 4.17 -8.47
N MET B 185 1.83 5.49 -8.47
CA MET B 185 2.88 6.29 -9.08
C MET B 185 3.90 6.77 -8.08
N ALA B 186 3.75 6.36 -6.82
CA ALA B 186 4.61 6.74 -5.71
C ALA B 186 4.77 8.26 -5.59
N ILE B 187 3.68 8.98 -5.82
CA ILE B 187 3.70 10.44 -5.74
C ILE B 187 3.84 10.82 -4.28
N PRO B 188 4.88 11.61 -3.92
CA PRO B 188 5.05 11.83 -2.46
C PRO B 188 4.14 12.91 -1.92
N VAL B 189 2.84 12.66 -1.97
CA VAL B 189 1.88 13.64 -1.49
C VAL B 189 0.81 12.92 -0.72
N ARG B 190 0.51 13.42 0.46
CA ARG B 190 -0.58 12.90 1.27
CA ARG B 190 -0.58 12.88 1.26
C ARG B 190 -1.91 13.43 0.73
N ILE B 191 -2.87 12.55 0.52
CA ILE B 191 -4.14 12.97 -0.04
C ILE B 191 -5.15 12.99 1.08
N VAL B 192 -5.78 14.12 1.31
CA VAL B 192 -6.73 14.25 2.39
C VAL B 192 -8.14 14.47 1.82
N GLY B 193 -9.07 13.64 2.23
CA GLY B 193 -10.48 13.76 1.80
C GLY B 193 -11.22 14.55 2.81
N VAL B 194 -11.86 15.64 2.41
CA VAL B 194 -12.63 16.42 3.37
C VAL B 194 -14.15 16.20 3.26
N GLU B 195 -14.77 15.97 4.40
CA GLU B 195 -16.19 15.66 4.47
C GLU B 195 -17.03 16.77 3.80
N THR B 196 -18.06 16.38 3.08
CA THR B 196 -18.85 17.33 2.35
C THR B 196 -19.46 18.40 3.24
N VAL B 197 -19.27 19.66 2.88
CA VAL B 197 -19.82 20.81 3.62
C VAL B 197 -21.18 21.09 2.98
N ARG B 198 -22.16 21.42 3.82
CA ARG B 198 -23.56 21.48 3.40
C ARG B 198 -24.14 22.82 3.78
N GLU B 199 -25.07 23.32 2.98
CA GLU B 199 -25.84 24.48 3.33
C GLU B 199 -26.72 24.15 4.53
N ASP B 200 -27.43 25.13 5.05
CA ASP B 200 -28.07 24.96 6.35
C ASP B 200 -29.31 24.10 6.30
N ASP B 201 -29.87 23.85 5.12
CA ASP B 201 -30.95 22.82 5.00
C ASP B 201 -30.45 21.42 4.62
N GLY B 202 -29.12 21.27 4.57
CA GLY B 202 -28.52 19.97 4.24
C GLY B 202 -28.05 19.76 2.80
N LEU B 203 -28.36 20.69 1.90
CA LEU B 203 -27.96 20.53 0.50
C LEU B 203 -26.47 20.71 0.38
N ALA B 204 -25.83 19.77 -0.30
CA ALA B 204 -24.38 19.82 -0.53
C ALA B 204 -23.96 21.13 -1.21
N CYS B 205 -22.99 21.83 -0.62
CA CYS B 205 -22.50 23.06 -1.24
C CYS B 205 -22.01 22.76 -2.65
N SER B 206 -22.41 23.59 -3.58
CA SER B 206 -21.96 23.48 -4.98
C SER B 206 -22.21 24.83 -5.66
N SER B 207 -21.29 25.23 -6.53
CA SER B 207 -21.53 26.37 -7.40
C SER B 207 -22.73 26.20 -8.33
N ARG B 208 -23.17 24.97 -8.60
CA ARG B 208 -24.39 24.81 -9.41
C ARG B 208 -25.67 25.16 -8.63
N ASN B 209 -25.60 25.30 -7.31
CA ASN B 209 -26.82 25.54 -6.51
C ASN B 209 -27.43 26.89 -6.86
N VAL B 210 -26.58 27.81 -7.28
CA VAL B 210 -27.02 29.15 -7.67
C VAL B 210 -28.10 29.11 -8.80
N TYR B 211 -28.01 28.16 -9.73
CA TYR B 211 -28.93 28.13 -10.88
C TYR B 211 -30.37 27.77 -10.53
N LEU B 212 -30.57 27.19 -9.35
CA LEU B 212 -31.88 26.69 -8.97
C LEU B 212 -32.83 27.84 -8.74
N THR B 213 -34.02 27.77 -9.35
CA THR B 213 -35.08 28.72 -9.06
C THR B 213 -35.50 28.53 -7.59
N PRO B 214 -36.19 29.52 -7.00
CA PRO B 214 -36.63 29.32 -5.61
C PRO B 214 -37.40 28.02 -5.40
N GLU B 215 -38.27 27.67 -6.33
CA GLU B 215 -39.06 26.46 -6.18
C GLU B 215 -38.18 25.21 -6.27
N GLN B 216 -37.25 25.23 -7.21
CA GLN B 216 -36.34 24.12 -7.41
C GLN B 216 -35.44 23.98 -6.18
N ARG B 217 -35.03 25.10 -5.60
CA ARG B 217 -34.14 25.07 -4.46
C ARG B 217 -34.78 24.34 -3.28
N ARG B 218 -36.08 24.54 -3.07
CA ARG B 218 -36.71 23.84 -1.95
C ARG B 218 -37.00 22.37 -2.27
N ALA B 219 -37.29 22.06 -3.53
CA ALA B 219 -37.40 20.67 -3.91
C ALA B 219 -36.08 19.94 -3.72
N ALA B 220 -34.96 20.65 -3.90
CA ALA B 220 -33.61 20.02 -3.95
C ALA B 220 -33.24 19.31 -2.66
N ILE B 221 -33.89 19.71 -1.56
CA ILE B 221 -33.70 19.08 -0.24
C ILE B 221 -33.96 17.57 -0.23
N ILE B 222 -34.66 17.09 -1.25
CA ILE B 222 -34.91 15.68 -1.36
C ILE B 222 -33.59 14.90 -1.54
N VAL B 223 -32.55 15.53 -2.09
CA VAL B 223 -31.29 14.80 -2.31
C VAL B 223 -30.60 14.41 -0.99
N PRO B 224 -30.31 15.37 -0.12
CA PRO B 224 -29.74 14.93 1.15
C PRO B 224 -30.69 14.03 2.01
N GLN B 225 -32.01 14.25 1.92
CA GLN B 225 -32.97 13.44 2.64
C GLN B 225 -32.95 12.02 2.13
N ALA B 226 -32.65 11.86 0.84
CA ALA B 226 -32.59 10.52 0.23
C ALA B 226 -31.42 9.75 0.79
N LEU B 227 -30.31 10.45 1.04
CA LEU B 227 -29.15 9.82 1.73
C LEU B 227 -29.45 9.42 3.17
N ASP B 228 -30.19 10.25 3.91
CA ASP B 228 -30.58 9.90 5.28
C ASP B 228 -31.48 8.65 5.23
N GLU B 229 -32.37 8.60 4.22
CA GLU B 229 -33.26 7.46 4.06
C GLU B 229 -32.46 6.17 3.76
N ALA B 230 -31.50 6.28 2.85
CA ALA B 230 -30.59 5.18 2.57
C ALA B 230 -29.89 4.70 3.87
N ASP B 231 -29.45 5.63 4.69
CA ASP B 231 -28.85 5.26 5.99
C ASP B 231 -29.82 4.52 6.93
N ARG B 232 -31.03 5.05 7.07
CA ARG B 232 -32.11 4.40 7.83
C ARG B 232 -32.35 2.97 7.32
N LEU B 233 -32.45 2.80 6.01
CA LEU B 233 -32.73 1.51 5.44
C LEU B 233 -31.60 0.55 5.72
N TYR B 234 -30.36 1.00 5.51
CA TYR B 234 -29.21 0.17 5.83
C TYR B 234 -29.17 -0.24 7.31
N ARG B 235 -29.35 0.72 8.22
CA ARG B 235 -29.39 0.39 9.65
C ARG B 235 -30.47 -0.63 10.02
N SER B 236 -31.58 -0.65 9.28
CA SER B 236 -32.66 -1.61 9.55
C SER B 236 -32.34 -3.00 8.99
N GLY B 237 -31.21 -3.19 8.32
CA GLY B 237 -30.81 -4.52 7.79
C GLY B 237 -30.95 -4.75 6.28
N MET B 238 -31.43 -3.79 5.52
CA MET B 238 -31.56 -3.99 4.08
C MET B 238 -30.26 -4.54 3.49
N ASP B 239 -30.37 -5.60 2.70
CA ASP B 239 -29.19 -6.34 2.21
C ASP B 239 -29.07 -6.46 0.69
N ASP B 240 -30.15 -6.17 -0.04
CA ASP B 240 -30.18 -6.30 -1.50
C ASP B 240 -30.01 -4.91 -2.14
N PRO B 241 -28.97 -4.73 -2.96
CA PRO B 241 -28.70 -3.40 -3.58
C PRO B 241 -29.84 -2.90 -4.49
N ASP B 242 -30.51 -3.80 -5.22
CA ASP B 242 -31.69 -3.40 -6.02
C ASP B 242 -32.85 -2.86 -5.16
N ALA B 243 -33.09 -3.47 -4.01
CA ALA B 243 -34.14 -2.99 -3.10
C ALA B 243 -33.75 -1.60 -2.56
N LEU B 244 -32.46 -1.40 -2.30
CA LEU B 244 -32.04 -0.08 -1.80
C LEU B 244 -32.22 0.98 -2.90
N GLU B 245 -31.79 0.66 -4.11
CA GLU B 245 -31.97 1.53 -5.26
C GLU B 245 -33.45 1.86 -5.49
N ALA B 246 -34.31 0.85 -5.42
CA ALA B 246 -35.75 1.06 -5.62
C ALA B 246 -36.34 1.94 -4.52
N ALA B 247 -35.98 1.68 -3.26
CA ALA B 247 -36.43 2.56 -2.16
C ALA B 247 -36.04 4.02 -2.39
N ILE B 248 -34.78 4.24 -2.74
CA ILE B 248 -34.28 5.61 -2.94
C ILE B 248 -35.00 6.27 -4.12
N ARG B 249 -35.16 5.51 -5.20
CA ARG B 249 -35.82 6.02 -6.39
C ARG B 249 -37.24 6.49 -6.06
N THR B 250 -38.01 5.66 -5.35
CA THR B 250 -39.42 6.01 -5.00
C THR B 250 -39.46 7.14 -4.00
N PHE B 251 -38.54 7.13 -3.05
CA PHE B 251 -38.37 8.25 -2.14
C PHE B 251 -38.16 9.57 -2.85
N ILE B 252 -37.20 9.62 -3.78
CA ILE B 252 -36.91 10.87 -4.49
C ILE B 252 -38.09 11.25 -5.35
N GLY B 253 -38.69 10.24 -5.97
CA GLY B 253 -39.86 10.41 -6.85
C GLY B 253 -41.04 11.12 -6.23
N ARG B 254 -41.18 11.08 -4.91
CA ARG B 254 -42.16 11.88 -4.18
C ARG B 254 -42.08 13.37 -4.54
N GLN B 255 -40.94 13.80 -5.06
CA GLN B 255 -40.74 15.19 -5.38
C GLN B 255 -40.62 15.22 -6.89
N PRO B 256 -41.71 15.61 -7.57
CA PRO B 256 -41.76 15.39 -9.02
C PRO B 256 -40.78 16.29 -9.78
N LEU B 257 -40.35 17.39 -9.16
CA LEU B 257 -39.33 18.23 -9.77
C LEU B 257 -37.94 17.59 -9.71
N ALA B 258 -37.77 16.51 -8.94
CA ALA B 258 -36.48 15.81 -8.85
C ALA B 258 -36.50 14.51 -9.60
N VAL B 259 -35.65 14.40 -10.62
CA VAL B 259 -35.57 13.20 -11.42
C VAL B 259 -34.20 12.56 -11.20
N PRO B 260 -34.19 11.37 -10.62
CA PRO B 260 -32.92 10.73 -10.37
C PRO B 260 -32.40 10.10 -11.65
N GLU B 261 -31.27 10.60 -12.16
CA GLU B 261 -30.66 10.07 -13.36
C GLU B 261 -29.82 8.85 -13.02
N VAL B 262 -29.02 8.92 -11.95
CA VAL B 262 -28.27 7.76 -11.50
C VAL B 262 -28.31 7.58 -9.99
N ILE B 263 -28.62 6.37 -9.57
CA ILE B 263 -28.55 5.99 -8.18
C ILE B 263 -27.59 4.81 -8.13
N ALA B 264 -26.34 5.10 -7.77
CA ALA B 264 -25.26 4.12 -7.82
C ALA B 264 -24.95 3.61 -6.40
N ILE B 265 -25.06 2.29 -6.21
CA ILE B 265 -24.76 1.64 -4.94
C ILE B 265 -23.58 0.72 -5.21
N ARG B 266 -22.43 1.04 -4.62
CA ARG B 266 -21.19 0.47 -5.08
C ARG B 266 -20.21 0.23 -3.93
N ASP B 267 -19.19 -0.56 -4.18
CA ASP B 267 -18.10 -0.73 -3.21
C ASP B 267 -17.31 0.58 -3.21
N PRO B 268 -17.06 1.18 -2.03
CA PRO B 268 -16.34 2.45 -2.01
C PRO B 268 -14.87 2.36 -2.48
N GLU B 269 -14.27 1.17 -2.51
CA GLU B 269 -12.86 0.98 -2.88
CA GLU B 269 -12.86 1.01 -2.88
C GLU B 269 -12.71 0.72 -4.37
N THR B 270 -13.48 -0.25 -4.88
CA THR B 270 -13.44 -0.58 -6.30
C THR B 270 -14.50 0.15 -7.13
N LEU B 271 -15.50 0.72 -6.50
CA LEU B 271 -16.63 1.35 -7.21
C LEU B 271 -17.48 0.39 -8.09
N GLU B 272 -17.34 -0.91 -7.85
CA GLU B 272 -18.08 -1.93 -8.57
C GLU B 272 -19.39 -2.24 -7.86
N ARG B 273 -20.26 -2.97 -8.56
CA ARG B 273 -21.53 -3.39 -7.99
C ARG B 273 -21.30 -4.42 -6.91
N LEU B 274 -22.25 -4.50 -6.00
CA LEU B 274 -22.13 -5.34 -4.83
C LEU B 274 -23.16 -6.47 -4.92
N PRO B 275 -22.82 -7.66 -4.38
CA PRO B 275 -23.77 -8.76 -4.29
C PRO B 275 -24.63 -8.64 -3.02
N ALA B 276 -24.24 -7.77 -2.09
CA ALA B 276 -25.02 -7.56 -0.86
C ALA B 276 -24.47 -6.34 -0.10
N LEU B 277 -25.23 -5.89 0.88
CA LEU B 277 -24.94 -4.63 1.54
C LEU B 277 -24.42 -4.73 2.97
N GLN B 278 -24.97 -5.66 3.76
CA GLN B 278 -24.69 -5.66 5.20
C GLN B 278 -23.31 -6.22 5.47
N GLY B 279 -22.69 -5.73 6.55
CA GLY B 279 -21.36 -6.19 6.93
C GLY B 279 -20.20 -5.51 6.22
N ARG B 280 -20.50 -4.59 5.30
CA ARG B 280 -19.45 -3.87 4.58
CA ARG B 280 -19.46 -3.88 4.55
C ARG B 280 -19.89 -2.44 4.30
N PRO B 281 -18.92 -1.53 4.12
CA PRO B 281 -19.33 -0.19 3.83
C PRO B 281 -19.79 -0.09 2.39
N ILE B 282 -20.75 0.78 2.12
CA ILE B 282 -21.25 0.94 0.77
C ILE B 282 -21.26 2.41 0.41
N LEU B 283 -21.03 2.69 -0.87
CA LEU B 283 -21.17 4.03 -1.38
C LEU B 283 -22.54 4.12 -2.05
N VAL B 284 -23.28 5.16 -1.70
CA VAL B 284 -24.51 5.53 -2.35
C VAL B 284 -24.26 6.86 -2.98
N ALA B 285 -24.15 6.86 -4.30
CA ALA B 285 -23.97 8.10 -5.07
C ALA B 285 -25.23 8.47 -5.85
N LEU B 286 -25.70 9.69 -5.67
CA LEU B 286 -26.91 10.17 -6.31
C LEU B 286 -26.59 11.23 -7.39
N PHE B 287 -27.24 11.07 -8.54
CA PHE B 287 -27.11 12.05 -9.61
C PHE B 287 -28.52 12.43 -9.96
N VAL B 288 -28.92 13.64 -9.57
CA VAL B 288 -30.34 14.00 -9.61
C VAL B 288 -30.53 15.31 -10.33
N ARG B 289 -31.49 15.34 -11.22
CA ARG B 289 -31.74 16.53 -12.03
C ARG B 289 -32.95 17.26 -11.47
N VAL B 290 -32.74 18.53 -11.11
CA VAL B 290 -33.82 19.38 -10.62
C VAL B 290 -33.93 20.59 -11.53
N GLY B 291 -35.07 20.70 -12.19
CA GLY B 291 -35.17 21.57 -13.36
C GLY B 291 -34.12 21.12 -14.36
N ALA B 292 -33.26 22.04 -14.74
CA ALA B 292 -32.18 21.79 -15.69
C ALA B 292 -30.86 21.50 -14.99
N THR B 293 -30.83 21.56 -13.67
CA THR B 293 -29.59 21.54 -12.93
C THR B 293 -29.27 20.14 -12.37
N ARG B 294 -28.07 19.65 -12.64
CA ARG B 294 -27.65 18.34 -12.12
C ARG B 294 -27.06 18.46 -10.73
N LEU B 295 -27.65 17.75 -9.77
CA LEU B 295 -27.23 17.79 -8.37
C LEU B 295 -26.62 16.47 -7.99
N LEU B 296 -25.47 16.53 -7.32
CA LEU B 296 -24.73 15.36 -6.95
C LEU B 296 -24.60 15.30 -5.42
N ASP B 297 -24.65 14.09 -4.86
CA ASP B 297 -24.37 13.88 -3.45
C ASP B 297 -24.10 12.40 -3.26
N ASN B 298 -23.43 12.07 -2.17
CA ASN B 298 -23.05 10.71 -1.89
C ASN B 298 -22.82 10.55 -0.38
N ARG B 299 -22.90 9.32 0.09
CA ARG B 299 -22.53 9.04 1.45
C ARG B 299 -22.02 7.64 1.45
N VAL B 300 -20.99 7.38 2.26
CA VAL B 300 -20.57 6.02 2.58
C VAL B 300 -21.31 5.56 3.81
N ILE B 301 -21.97 4.42 3.71
CA ILE B 301 -22.81 3.93 4.80
C ILE B 301 -22.31 2.58 5.26
N GLY B 302 -22.28 2.40 6.57
CA GLY B 302 -21.69 1.23 7.22
C GLY B 302 -20.18 1.29 7.28
N HIS B 303 -19.58 0.26 7.86
CA HIS B 303 -18.14 0.25 8.09
C HIS B 303 -17.67 -1.19 8.25
N ALA B 304 -16.35 -1.40 8.23
CA ALA B 304 -15.87 -2.80 8.17
C ALA B 304 -15.74 -3.37 9.55
N ALA B 305 -16.19 -4.61 9.71
CA ALA B 305 -16.01 -5.37 10.94
C ALA B 305 -14.66 -6.09 10.93
N PRO B 306 -14.24 -6.59 12.10
CA PRO B 306 -13.10 -7.52 12.11
C PRO B 306 -13.40 -8.79 11.29
N GLN B 307 -12.38 -9.30 10.61
CA GLN B 307 -12.52 -10.50 9.76
C GLN B 307 -13.11 -11.71 10.48
N SER C 21 31.32 3.90 0.47
CA SER C 21 30.76 2.60 -0.01
C SER C 21 29.39 2.84 -0.65
N MET C 22 29.25 2.47 -1.91
CA MET C 22 27.91 2.41 -2.54
C MET C 22 26.89 1.72 -1.60
N GLN C 23 25.74 2.35 -1.35
CA GLN C 23 24.62 1.73 -0.63
C GLN C 23 23.63 1.08 -1.60
N ILE C 24 23.31 -0.19 -1.37
CA ILE C 24 22.35 -0.95 -2.16
C ILE C 24 21.05 -1.04 -1.40
N ILE C 25 19.98 -0.58 -2.05
CA ILE C 25 18.66 -0.44 -1.40
C ILE C 25 17.58 -1.11 -2.27
N HIS C 26 16.57 -1.67 -1.62
CA HIS C 26 15.54 -2.49 -2.31
C HIS C 26 14.11 -1.99 -2.21
N THR C 27 13.82 -1.03 -1.34
CA THR C 27 12.44 -0.59 -1.16
C THR C 27 12.37 0.93 -1.37
N ILE C 28 11.18 1.39 -1.73
CA ILE C 28 10.94 2.80 -1.96
C ILE C 28 11.19 3.58 -0.68
N GLU C 29 10.64 3.14 0.43
CA GLU C 29 10.73 3.85 1.68
C GLU C 29 12.21 3.90 2.16
N GLU C 30 12.91 2.81 1.98
CA GLU C 30 14.33 2.76 2.28
C GLU C 30 15.16 3.74 1.41
N LEU C 31 14.86 3.80 0.11
CA LEU C 31 15.52 4.75 -0.78
C LEU C 31 15.25 6.18 -0.35
N ARG C 32 14.01 6.52 -0.03
CA ARG C 32 13.69 7.88 0.35
C ARG C 32 14.40 8.25 1.67
N GLN C 33 14.40 7.32 2.63
CA GLN C 33 15.19 7.55 3.87
C GLN C 33 16.70 7.68 3.57
N ALA C 34 17.26 6.90 2.67
CA ALA C 34 18.70 7.04 2.39
C ALA C 34 19.05 8.37 1.71
N LEU C 35 18.16 8.90 0.87
CA LEU C 35 18.41 10.18 0.17
C LEU C 35 18.06 11.43 0.97
N ALA C 36 17.30 11.29 2.04
CA ALA C 36 16.88 12.45 2.81
C ALA C 36 18.05 13.34 3.30
N PRO C 37 19.13 12.76 3.85
CA PRO C 37 20.29 13.63 4.23
C PRO C 37 20.86 14.45 3.07
N ALA C 38 20.99 13.81 1.90
CA ALA C 38 21.43 14.46 0.69
C ALA C 38 20.60 15.72 0.40
N ARG C 39 19.29 15.60 0.45
CA ARG C 39 18.39 16.74 0.24
C ARG C 39 18.55 17.77 1.39
N GLN C 40 18.73 17.28 2.59
CA GLN C 40 18.97 18.13 3.71
C GLN C 40 20.24 18.95 3.51
N GLN C 41 21.23 18.40 2.82
CA GLN C 41 22.50 19.08 2.57
C GLN C 41 22.52 19.75 1.20
N GLY C 42 21.39 19.86 0.55
CA GLY C 42 21.30 20.51 -0.74
C GLY C 42 22.12 19.87 -1.83
N LYS C 43 22.41 18.57 -1.73
CA LYS C 43 23.17 17.88 -2.77
C LYS C 43 22.33 17.72 -4.06
N LYS C 44 22.95 17.88 -5.22
CA LYS C 44 22.28 17.53 -6.49
C LYS C 44 22.36 16.02 -6.76
N ILE C 45 21.24 15.43 -7.16
CA ILE C 45 21.17 13.96 -7.35
C ILE C 45 21.04 13.63 -8.80
N GLY C 46 22.00 12.89 -9.33
CA GLY C 46 21.98 12.37 -10.70
C GLY C 46 21.37 10.97 -10.69
N PHE C 47 20.55 10.68 -11.68
CA PHE C 47 19.83 9.42 -11.75
C PHE C 47 20.02 8.73 -13.09
N VAL C 48 20.47 7.48 -13.04
CA VAL C 48 20.55 6.63 -14.23
C VAL C 48 19.64 5.38 -14.06
N PRO C 49 18.46 5.38 -14.72
CA PRO C 49 17.56 4.20 -14.70
C PRO C 49 17.95 3.16 -15.71
N THR C 50 18.09 1.90 -15.29
CA THR C 50 18.45 0.80 -16.18
C THR C 50 17.66 -0.46 -15.85
N MET C 51 17.76 -1.44 -16.74
CA MET C 51 17.31 -2.82 -16.49
C MET C 51 18.45 -3.81 -16.22
N GLY C 52 19.60 -3.29 -15.82
CA GLY C 52 20.71 -4.12 -15.40
C GLY C 52 21.43 -4.82 -16.53
N TYR C 53 22.29 -5.76 -16.13
CA TYR C 53 23.23 -6.45 -17.00
C TYR C 53 24.01 -5.39 -17.74
N LEU C 54 24.77 -4.65 -16.95
CA LEU C 54 25.32 -3.35 -17.35
C LEU C 54 26.47 -3.44 -18.33
N HIS C 55 26.45 -2.58 -19.33
CA HIS C 55 27.47 -2.53 -20.35
C HIS C 55 28.14 -1.15 -20.35
N LYS C 56 29.09 -0.96 -21.24
CA LYS C 56 29.93 0.23 -21.25
C LYS C 56 29.08 1.49 -21.47
N GLY C 57 27.98 1.36 -22.20
CA GLY C 57 27.04 2.43 -22.41
C GLY C 57 26.44 2.90 -21.11
N HIS C 58 25.98 1.96 -20.30
CA HIS C 58 25.49 2.32 -18.96
C HIS C 58 26.54 3.04 -18.15
N LEU C 59 27.76 2.54 -18.21
CA LEU C 59 28.82 3.10 -17.40
C LEU C 59 29.23 4.52 -17.84
N GLU C 60 29.09 4.84 -19.13
CA GLU C 60 29.24 6.22 -19.61
C GLU C 60 28.09 7.16 -19.12
N LEU C 61 26.85 6.68 -19.06
CA LEU C 61 25.78 7.45 -18.40
C LEU C 61 26.12 7.79 -16.95
N VAL C 62 26.62 6.79 -16.23
CA VAL C 62 27.04 6.96 -14.85
C VAL C 62 28.19 8.01 -14.76
N ARG C 63 29.19 7.88 -15.61
CA ARG C 63 30.31 8.83 -15.61
C ARG C 63 29.78 10.26 -15.87
N ARG C 64 28.85 10.39 -16.83
CA ARG C 64 28.25 11.69 -17.13
C ARG C 64 27.44 12.25 -15.95
N ALA C 65 26.68 11.39 -15.28
CA ALA C 65 25.96 11.79 -14.06
C ALA C 65 26.89 12.34 -12.99
N ARG C 66 28.01 11.64 -12.77
CA ARG C 66 28.91 11.98 -11.67
C ARG C 66 29.60 13.32 -11.90
N VAL C 67 29.89 13.67 -13.15
CA VAL C 67 30.41 15.01 -13.50
C VAL C 67 29.50 16.15 -13.00
N GLU C 68 28.19 15.95 -13.09
CA GLU C 68 27.24 17.05 -12.90
C GLU C 68 26.51 17.00 -11.57
N ASN C 69 26.73 15.97 -10.79
CA ASN C 69 25.96 15.83 -9.57
C ASN C 69 26.81 15.48 -8.37
N ASP C 70 26.29 15.82 -7.20
CA ASP C 70 26.97 15.48 -5.97
C ASP C 70 26.81 14.01 -5.67
N VAL C 71 25.61 13.48 -5.92
CA VAL C 71 25.27 12.07 -5.54
C VAL C 71 24.70 11.43 -6.78
N THR C 72 25.12 10.20 -7.08
CA THR C 72 24.63 9.50 -8.28
C THR C 72 23.91 8.22 -7.80
N LEU C 73 22.69 8.03 -8.30
CA LEU C 73 21.87 6.88 -8.01
C LEU C 73 21.59 6.14 -9.32
N VAL C 74 21.86 4.85 -9.34
CA VAL C 74 21.47 3.98 -10.44
C VAL C 74 20.33 3.07 -9.99
N SER C 75 19.32 2.92 -10.81
CA SER C 75 18.35 1.85 -10.59
C SER C 75 18.55 0.70 -11.58
N ILE C 76 18.35 -0.51 -11.07
CA ILE C 76 18.30 -1.71 -11.86
C ILE C 76 16.97 -2.38 -11.58
N PHE C 77 16.12 -2.38 -12.59
CA PHE C 77 14.82 -3.01 -12.47
C PHE C 77 14.32 -3.43 -13.82
N VAL C 78 14.06 -4.73 -13.96
CA VAL C 78 13.56 -5.28 -15.19
C VAL C 78 12.04 -5.15 -15.06
N ASN C 79 11.49 -4.16 -15.74
CA ASN C 79 10.15 -3.71 -15.58
C ASN C 79 9.17 -4.51 -16.39
N PRO C 80 8.31 -5.32 -15.75
CA PRO C 80 7.43 -6.21 -16.54
C PRO C 80 6.47 -5.44 -17.43
N LEU C 81 6.07 -4.23 -17.04
CA LEU C 81 5.12 -3.46 -17.84
C LEU C 81 5.61 -3.13 -19.23
N GLN C 82 6.91 -3.07 -19.46
CA GLN C 82 7.42 -2.74 -20.78
C GLN C 82 7.81 -4.00 -21.61
N PHE C 83 7.34 -5.17 -21.15
CA PHE C 83 7.50 -6.43 -21.90
C PHE C 83 6.10 -6.92 -22.35
N GLY C 84 5.94 -7.23 -23.62
CA GLY C 84 4.67 -7.86 -24.08
C GLY C 84 4.55 -9.31 -23.65
N ALA C 85 3.34 -9.85 -23.75
CA ALA C 85 3.03 -11.23 -23.36
C ALA C 85 4.01 -12.30 -23.89
N ASN C 86 4.53 -12.12 -25.10
CA ASN C 86 5.37 -13.15 -25.70
C ASN C 86 6.73 -12.63 -26.08
N GLU C 87 7.27 -11.76 -25.23
CA GLU C 87 8.61 -11.22 -25.42
C GLU C 87 9.55 -11.98 -24.51
N ASP C 88 10.60 -11.35 -24.02
CA ASP C 88 11.70 -12.06 -23.37
C ASP C 88 11.87 -11.72 -21.89
N LEU C 89 10.78 -11.43 -21.20
CA LEU C 89 10.89 -11.07 -19.76
C LEU C 89 11.58 -12.16 -18.96
N GLY C 90 11.17 -13.40 -19.21
CA GLY C 90 11.72 -14.55 -18.48
C GLY C 90 13.20 -14.78 -18.74
N ARG C 91 13.69 -14.46 -19.94
CA ARG C 91 15.11 -14.68 -20.24
C ARG C 91 15.99 -13.45 -20.20
N TYR C 92 15.40 -12.25 -20.01
CA TYR C 92 16.23 -11.01 -19.96
C TYR C 92 17.40 -11.20 -19.02
N PRO C 93 18.60 -10.76 -19.42
CA PRO C 93 19.75 -11.11 -18.59
C PRO C 93 19.78 -10.42 -17.25
N ARG C 94 20.24 -11.16 -16.26
CA ARG C 94 20.29 -10.67 -14.91
C ARG C 94 21.56 -11.18 -14.27
N ASP C 95 22.30 -10.29 -13.61
CA ASP C 95 23.45 -10.68 -12.77
C ASP C 95 23.76 -9.49 -11.88
N LEU C 96 23.02 -9.39 -10.79
CA LEU C 96 23.12 -8.23 -9.92
C LEU C 96 24.49 -8.15 -9.28
N GLU C 97 25.11 -9.30 -8.95
CA GLU C 97 26.45 -9.28 -8.27
C GLU C 97 27.46 -8.61 -9.20
N ARG C 98 27.43 -8.99 -10.47
CA ARG C 98 28.32 -8.42 -11.49
C ARG C 98 27.99 -6.92 -11.67
N ASP C 99 26.71 -6.59 -11.78
CA ASP C 99 26.32 -5.17 -11.91
C ASP C 99 26.82 -4.36 -10.70
N ALA C 100 26.55 -4.85 -9.48
CA ALA C 100 26.94 -4.16 -8.26
C ALA C 100 28.43 -3.87 -8.24
N GLY C 101 29.20 -4.89 -8.63
CA GLY C 101 30.63 -4.77 -8.72
C GLY C 101 31.07 -3.67 -9.64
N LEU C 102 30.45 -3.60 -10.81
CA LEU C 102 30.78 -2.53 -11.77
C LEU C 102 30.41 -1.14 -11.22
N LEU C 103 29.25 -1.04 -10.57
CA LEU C 103 28.84 0.26 -10.01
C LEU C 103 29.71 0.73 -8.82
N HIS C 104 30.13 -0.21 -7.95
CA HIS C 104 31.09 0.11 -6.89
CA HIS C 104 31.11 0.07 -6.88
C HIS C 104 32.36 0.71 -7.50
N ASP C 105 32.90 0.06 -8.53
CA ASP C 105 34.10 0.56 -9.23
C ASP C 105 33.87 1.95 -9.85
N ALA C 106 32.63 2.17 -10.30
CA ALA C 106 32.25 3.42 -10.95
C ALA C 106 32.00 4.54 -9.95
N GLN C 107 32.12 4.25 -8.66
CA GLN C 107 31.87 5.22 -7.57
C GLN C 107 30.45 5.74 -7.48
N VAL C 108 29.49 4.89 -7.81
CA VAL C 108 28.09 5.19 -7.60
C VAL C 108 27.76 5.21 -6.09
N ASP C 109 26.95 6.18 -5.68
CA ASP C 109 26.56 6.33 -4.28
C ASP C 109 25.42 5.39 -3.87
N TYR C 110 24.42 5.25 -4.74
CA TYR C 110 23.23 4.44 -4.45
C TYR C 110 22.89 3.51 -5.61
N LEU C 111 22.63 2.25 -5.28
CA LEU C 111 21.99 1.31 -6.22
C LEU C 111 20.65 0.93 -5.69
N PHE C 112 19.62 1.23 -6.45
CA PHE C 112 18.27 0.84 -6.15
C PHE C 112 17.95 -0.40 -6.98
N ALA C 113 17.75 -1.53 -6.30
CA ALA C 113 17.54 -2.84 -6.93
C ALA C 113 16.32 -3.56 -6.37
N PRO C 114 15.11 -3.05 -6.67
CA PRO C 114 13.89 -3.66 -6.16
C PRO C 114 13.50 -4.91 -6.89
N THR C 115 12.75 -5.77 -6.21
CA THR C 115 12.10 -6.88 -6.86
C THR C 115 10.81 -6.31 -7.36
N VAL C 116 10.11 -7.10 -8.16
CA VAL C 116 8.80 -6.73 -8.66
C VAL C 116 7.86 -6.41 -7.47
N SER C 117 7.96 -7.16 -6.36
CA SER C 117 7.09 -6.92 -5.22
C SER C 117 7.37 -5.57 -4.55
N ASP C 118 8.63 -5.12 -4.58
CA ASP C 118 9.00 -3.84 -3.99
C ASP C 118 8.58 -2.66 -4.88
N MET C 119 8.62 -2.83 -6.18
CA MET C 119 8.15 -1.77 -7.12
C MET C 119 6.65 -1.74 -7.31
N TYR C 120 6.07 -2.94 -7.39
CA TYR C 120 4.63 -3.09 -7.61
C TYR C 120 3.99 -3.98 -6.54
N PRO C 121 3.84 -3.48 -5.31
CA PRO C 121 3.33 -4.36 -4.24
C PRO C 121 1.88 -4.82 -4.51
N ARG C 122 1.16 -4.12 -5.35
CA ARG C 122 -0.17 -4.54 -5.77
C ARG C 122 -0.25 -4.24 -7.24
N PRO C 123 -1.15 -4.89 -7.99
CA PRO C 123 -1.24 -4.61 -9.43
C PRO C 123 -1.51 -3.15 -9.72
N MET C 124 -0.78 -2.57 -10.66
CA MET C 124 -1.00 -1.20 -11.08
C MET C 124 -2.37 -1.05 -11.75
N GLN C 125 -3.09 -0.03 -11.33
CA GLN C 125 -4.28 0.41 -12.04
C GLN C 125 -4.06 1.70 -12.81
N THR C 126 -2.92 2.35 -12.60
CA THR C 126 -2.57 3.59 -13.28
C THR C 126 -1.61 3.35 -14.43
N VAL C 127 -1.82 4.10 -15.49
CA VAL C 127 -0.98 4.12 -16.67
C VAL C 127 -0.66 5.57 -17.10
N VAL C 128 0.60 5.79 -17.46
CA VAL C 128 1.07 7.01 -18.13
C VAL C 128 1.47 6.61 -19.54
N ASP C 129 1.03 7.37 -20.53
CA ASP C 129 1.35 7.09 -21.94
C ASP C 129 1.52 8.40 -22.68
N VAL C 130 2.27 8.35 -23.78
CA VAL C 130 2.39 9.50 -24.70
C VAL C 130 2.04 8.96 -26.09
N PRO C 131 0.75 8.64 -26.32
CA PRO C 131 0.37 7.83 -27.50
C PRO C 131 0.85 8.33 -28.87
N PRO C 132 0.89 9.66 -29.12
CA PRO C 132 1.33 10.12 -30.46
C PRO C 132 2.82 9.87 -30.77
N LEU C 133 3.64 9.79 -29.74
CA LEU C 133 5.02 9.36 -29.90
C LEU C 133 5.22 7.87 -29.71
N GLY C 134 4.48 7.28 -28.80
CA GLY C 134 4.72 5.93 -28.41
C GLY C 134 4.16 4.87 -29.34
N ASN C 135 3.19 5.25 -30.17
CA ASN C 135 2.56 4.28 -31.07
C ASN C 135 3.29 4.12 -32.42
N GLN C 136 4.30 4.95 -32.66
CA GLN C 136 5.10 4.93 -33.88
C GLN C 136 6.33 4.00 -33.72
N ILE C 137 6.90 3.60 -34.86
CA ILE C 137 8.20 2.92 -34.92
C ILE C 137 8.26 1.65 -34.05
N GLU C 138 9.11 1.63 -33.01
CA GLU C 138 9.25 0.44 -32.18
C GLU C 138 7.90 0.09 -31.55
N GLY C 139 7.09 1.14 -31.32
CA GLY C 139 5.73 0.96 -30.77
C GLY C 139 4.74 0.27 -31.69
N GLU C 140 5.03 0.29 -33.01
CA GLU C 140 4.22 -0.44 -33.99
C GLU C 140 4.55 -1.95 -33.83
N ALA C 141 5.81 -2.28 -33.58
CA ALA C 141 6.22 -3.70 -33.39
C ALA C 141 5.92 -4.21 -31.94
N ARG C 142 5.90 -3.30 -30.97
CA ARG C 142 5.65 -3.68 -29.59
C ARG C 142 4.52 -2.88 -28.97
N PRO C 143 3.26 -3.28 -29.23
CA PRO C 143 2.14 -2.45 -28.77
C PRO C 143 2.13 -2.30 -27.25
N GLY C 144 1.96 -1.07 -26.76
CA GLY C 144 1.94 -0.84 -25.31
C GLY C 144 3.33 -0.67 -24.66
N HIS C 145 4.40 -0.94 -25.39
CA HIS C 145 5.75 -0.95 -24.80
C HIS C 145 6.04 0.39 -24.15
N PHE C 146 5.70 1.47 -24.86
CA PHE C 146 6.04 2.79 -24.37
C PHE C 146 5.15 3.29 -23.28
N ALA C 147 3.94 2.75 -23.15
CA ALA C 147 3.18 3.02 -21.93
C ALA C 147 3.86 2.40 -20.69
N GLY C 148 4.37 1.18 -20.85
CA GLY C 148 5.19 0.52 -19.80
C GLY C 148 6.38 1.37 -19.35
N VAL C 149 7.10 1.91 -20.33
CA VAL C 149 8.25 2.76 -20.07
C VAL C 149 7.91 4.09 -19.40
N ALA C 150 6.92 4.80 -19.95
CA ALA C 150 6.46 6.07 -19.40
C ALA C 150 5.98 5.92 -17.98
N THR C 151 5.26 4.82 -17.74
CA THR C 151 4.73 4.54 -16.45
C THR C 151 5.82 4.30 -15.45
N VAL C 152 6.78 3.41 -15.74
CA VAL C 152 7.81 3.12 -14.72
C VAL C 152 8.75 4.29 -14.53
N VAL C 153 9.01 5.04 -15.59
CA VAL C 153 9.94 6.16 -15.51
C VAL C 153 9.32 7.27 -14.69
N SER C 154 8.05 7.56 -14.90
CA SER C 154 7.33 8.50 -14.03
C SER C 154 7.39 8.07 -12.57
N LYS C 155 7.15 6.80 -12.29
CA LYS C 155 7.20 6.31 -10.90
C LYS C 155 8.61 6.45 -10.27
N LEU C 156 9.63 6.08 -11.02
CA LEU C 156 11.00 6.19 -10.55
C LEU C 156 11.43 7.63 -10.27
N PHE C 157 10.96 8.57 -11.10
CA PHE C 157 11.26 9.97 -10.87
C PHE C 157 10.58 10.43 -9.60
N ASN C 158 9.34 9.96 -9.35
CA ASN C 158 8.67 10.24 -8.06
C ASN C 158 9.38 9.65 -6.85
N ILE C 159 9.86 8.44 -6.99
CA ILE C 159 10.55 7.72 -5.92
C ILE C 159 11.87 8.40 -5.65
N VAL C 160 12.65 8.63 -6.70
CA VAL C 160 14.01 9.17 -6.55
C VAL C 160 14.10 10.72 -6.35
N GLY C 161 13.19 11.47 -6.99
CA GLY C 161 13.23 12.93 -6.99
C GLY C 161 14.58 13.53 -7.35
N PRO C 162 15.12 13.15 -8.52
CA PRO C 162 16.45 13.58 -8.85
C PRO C 162 16.47 15.01 -9.42
N ASP C 163 17.65 15.63 -9.45
CA ASP C 163 17.80 16.90 -10.16
C ASP C 163 17.98 16.69 -11.68
N ALA C 164 18.65 15.60 -12.05
CA ALA C 164 18.86 15.27 -13.45
C ALA C 164 18.86 13.75 -13.67
N ALA C 165 18.41 13.34 -14.85
CA ALA C 165 18.35 11.94 -15.21
C ALA C 165 18.97 11.78 -16.57
N TYR C 166 19.64 10.64 -16.76
CA TYR C 166 20.49 10.34 -17.89
C TYR C 166 20.00 9.17 -18.67
N PHE C 167 19.83 9.39 -19.99
CA PHE C 167 19.28 8.39 -20.90
C PHE C 167 20.16 8.25 -22.14
N GLY C 168 20.28 7.03 -22.66
CA GLY C 168 21.08 6.77 -23.89
C GLY C 168 20.29 7.14 -25.13
N GLU C 169 20.95 7.77 -26.09
CA GLU C 169 20.33 8.12 -27.35
C GLU C 169 20.16 6.89 -28.20
N LYS C 170 20.75 5.76 -27.80
CA LYS C 170 20.52 4.55 -28.56
C LYS C 170 19.04 4.21 -28.59
N ASP C 171 18.35 4.44 -27.48
CA ASP C 171 16.92 4.28 -27.44
C ASP C 171 16.35 5.65 -27.72
N PHE C 172 16.45 6.03 -29.00
CA PHE C 172 16.18 7.40 -29.42
C PHE C 172 14.73 7.76 -29.15
N GLN C 173 13.81 6.96 -29.66
CA GLN C 173 12.39 7.19 -29.42
C GLN C 173 12.05 7.27 -27.94
N GLN C 174 12.65 6.40 -27.14
CA GLN C 174 12.38 6.46 -25.70
C GLN C 174 12.74 7.83 -25.15
N LEU C 175 13.89 8.34 -25.55
CA LEU C 175 14.36 9.65 -25.10
C LEU C 175 13.38 10.75 -25.54
N VAL C 176 12.92 10.71 -26.79
CA VAL C 176 11.99 11.71 -27.26
C VAL C 176 10.73 11.68 -26.41
N ILE C 177 10.25 10.49 -26.12
CA ILE C 177 9.06 10.32 -25.31
C ILE C 177 9.27 10.82 -23.88
N ILE C 178 10.38 10.42 -23.24
CA ILE C 178 10.66 10.88 -21.88
C ILE C 178 10.82 12.43 -21.78
N ARG C 179 11.46 13.06 -22.75
CA ARG C 179 11.57 14.53 -22.75
C ARG C 179 10.18 15.14 -22.86
N ARG C 180 9.35 14.59 -23.77
CA ARG C 180 8.02 15.11 -23.94
CA ARG C 180 8.00 15.10 -23.93
C ARG C 180 7.15 14.92 -22.67
N MET C 181 7.22 13.73 -22.07
CA MET C 181 6.51 13.45 -20.81
C MET C 181 6.92 14.41 -19.68
N VAL C 182 8.22 14.69 -19.60
CA VAL C 182 8.77 15.56 -18.60
C VAL C 182 8.26 17.00 -18.81
N ASP C 183 8.27 17.49 -20.04
CA ASP C 183 7.76 18.83 -20.35
CA ASP C 183 7.75 18.85 -20.34
C ASP C 183 6.26 18.92 -20.09
N ASP C 184 5.49 18.00 -20.70
CA ASP C 184 4.03 17.92 -20.53
C ASP C 184 3.61 17.85 -19.04
N MET C 185 4.30 17.05 -18.24
CA MET C 185 3.83 16.84 -16.87
C MET C 185 4.54 17.76 -15.87
N ALA C 186 5.34 18.71 -16.37
CA ALA C 186 6.12 19.65 -15.54
C ALA C 186 6.93 18.92 -14.46
N ILE C 187 7.51 17.77 -14.81
CA ILE C 187 8.35 17.00 -13.87
C ILE C 187 9.68 17.74 -13.71
N PRO C 188 10.07 18.06 -12.47
CA PRO C 188 11.19 18.96 -12.30
C PRO C 188 12.51 18.19 -12.33
N VAL C 189 12.83 17.59 -13.48
CA VAL C 189 14.06 16.86 -13.69
C VAL C 189 14.67 17.33 -15.03
N ARG C 190 15.97 17.64 -15.01
CA ARG C 190 16.70 17.89 -16.22
C ARG C 190 17.03 16.55 -16.89
N ILE C 191 16.66 16.39 -18.15
CA ILE C 191 16.90 15.15 -18.91
C ILE C 191 18.13 15.28 -19.81
N VAL C 192 19.10 14.39 -19.63
CA VAL C 192 20.32 14.44 -20.42
C VAL C 192 20.41 13.22 -21.32
N GLY C 193 20.53 13.48 -22.63
CA GLY C 193 20.80 12.45 -23.62
C GLY C 193 22.27 12.18 -23.81
N VAL C 194 22.64 10.91 -23.82
CA VAL C 194 24.05 10.53 -23.93
C VAL C 194 24.22 9.77 -25.22
N GLU C 195 25.21 10.21 -25.98
CA GLU C 195 25.52 9.63 -27.25
C GLU C 195 25.72 8.12 -27.15
N THR C 196 25.21 7.42 -28.14
CA THR C 196 25.34 5.96 -28.24
C THR C 196 26.77 5.45 -28.14
N VAL C 197 27.00 4.53 -27.20
CA VAL C 197 28.26 3.83 -27.05
C VAL C 197 28.22 2.52 -27.85
N ARG C 198 29.33 2.26 -28.56
CA ARG C 198 29.41 1.18 -29.50
C ARG C 198 30.57 0.24 -29.20
N GLU C 199 30.39 -1.02 -29.60
CA GLU C 199 31.42 -2.02 -29.50
C GLU C 199 32.39 -1.74 -30.66
N ASP C 200 33.54 -2.43 -30.68
CA ASP C 200 34.62 -2.08 -31.62
C ASP C 200 34.28 -2.14 -33.11
N ASP C 201 33.35 -3.02 -33.50
CA ASP C 201 32.90 -3.09 -34.87
C ASP C 201 31.66 -2.20 -35.16
N GLY C 202 31.29 -1.32 -34.24
CA GLY C 202 30.14 -0.41 -34.42
C GLY C 202 28.78 -0.85 -33.85
N LEU C 203 28.64 -2.10 -33.42
CA LEU C 203 27.38 -2.54 -32.85
C LEU C 203 27.05 -1.75 -31.60
N ALA C 204 25.86 -1.14 -31.56
CA ALA C 204 25.44 -0.41 -30.34
C ALA C 204 25.45 -1.32 -29.13
N CYS C 205 26.04 -0.83 -28.05
CA CYS C 205 26.09 -1.61 -26.80
C CYS C 205 24.64 -1.83 -26.33
N SER C 206 24.34 -3.05 -25.93
CA SER C 206 23.01 -3.40 -25.48
C SER C 206 23.10 -4.68 -24.68
N SER C 207 22.39 -4.74 -23.56
CA SER C 207 22.39 -5.94 -22.72
C SER C 207 21.89 -7.15 -23.46
N ARG C 208 20.96 -6.94 -24.39
CA ARG C 208 20.48 -8.06 -25.20
C ARG C 208 21.52 -8.61 -26.19
N ASN C 209 22.65 -7.91 -26.39
CA ASN C 209 23.67 -8.41 -27.28
C ASN C 209 24.17 -9.79 -26.79
N VAL C 210 24.03 -10.05 -25.49
CA VAL C 210 24.48 -11.31 -24.92
C VAL C 210 23.70 -12.50 -25.49
N TYR C 211 22.48 -12.28 -25.99
CA TYR C 211 21.73 -13.36 -26.66
C TYR C 211 22.40 -13.87 -27.92
N LEU C 212 23.21 -13.01 -28.56
CA LEU C 212 23.69 -13.33 -29.90
C LEU C 212 24.73 -14.46 -29.86
N THR C 213 24.45 -15.50 -30.64
CA THR C 213 25.39 -16.59 -30.84
C THR C 213 26.56 -16.05 -31.63
N PRO C 214 27.69 -16.78 -31.67
CA PRO C 214 28.75 -16.23 -32.51
C PRO C 214 28.36 -15.86 -33.96
N GLU C 215 27.66 -16.72 -34.66
CA GLU C 215 27.33 -16.39 -36.01
C GLU C 215 26.37 -15.18 -36.12
N GLN C 216 25.44 -15.05 -35.17
CA GLN C 216 24.49 -13.92 -35.14
C GLN C 216 25.21 -12.61 -34.86
N ARG C 217 26.18 -12.69 -33.94
CA ARG C 217 26.96 -11.53 -33.57
C ARG C 217 27.78 -11.05 -34.74
N ARG C 218 28.27 -11.96 -35.57
CA ARG C 218 29.01 -11.57 -36.75
C ARG C 218 28.05 -10.92 -37.76
N ALA C 219 26.86 -11.49 -37.92
CA ALA C 219 25.86 -10.96 -38.84
C ALA C 219 25.37 -9.57 -38.44
N ALA C 220 25.30 -9.33 -37.12
CA ALA C 220 24.76 -8.12 -36.52
C ALA C 220 25.42 -6.83 -36.94
N ILE C 221 26.66 -6.89 -37.43
CA ILE C 221 27.33 -5.69 -37.95
C ILE C 221 26.56 -5.03 -39.11
N ILE C 222 25.61 -5.76 -39.69
CA ILE C 222 24.74 -5.22 -40.77
C ILE C 222 23.90 -4.04 -40.30
N VAL C 223 23.55 -3.99 -39.02
CA VAL C 223 22.78 -2.87 -38.45
C VAL C 223 23.53 -1.52 -38.49
N PRO C 224 24.70 -1.40 -37.82
CA PRO C 224 25.43 -0.14 -37.97
C PRO C 224 25.86 0.14 -39.42
N GLN C 225 26.16 -0.92 -40.18
CA GLN C 225 26.48 -0.73 -41.59
C GLN C 225 25.33 -0.10 -42.36
N ALA C 226 24.09 -0.50 -42.02
CA ALA C 226 22.91 0.02 -42.70
C ALA C 226 22.74 1.52 -42.44
N LEU C 227 23.05 1.96 -41.23
CA LEU C 227 23.00 3.38 -40.90
C LEU C 227 24.08 4.21 -41.61
N ASP C 228 25.31 3.66 -41.70
CA ASP C 228 26.34 4.18 -42.59
C ASP C 228 25.90 4.41 -44.03
N GLU C 229 25.27 3.38 -44.60
CA GLU C 229 24.69 3.42 -45.93
C GLU C 229 23.56 4.47 -46.03
N ALA C 230 22.71 4.55 -45.01
CA ALA C 230 21.67 5.57 -44.99
C ALA C 230 22.31 6.96 -45.12
N ASP C 231 23.31 7.21 -44.29
CA ASP C 231 24.06 8.44 -44.32
C ASP C 231 24.66 8.70 -45.73
N ARG C 232 25.26 7.66 -46.30
CA ARG C 232 25.87 7.78 -47.61
C ARG C 232 24.84 8.21 -48.65
N LEU C 233 23.67 7.60 -48.60
CA LEU C 233 22.64 7.81 -49.62
C LEU C 233 22.08 9.22 -49.46
N TYR C 234 21.86 9.64 -48.21
CA TYR C 234 21.45 10.99 -47.94
C TYR C 234 22.45 12.03 -48.47
N ARG C 235 23.74 11.84 -48.20
CA ARG C 235 24.78 12.76 -48.71
C ARG C 235 24.81 12.80 -50.24
N SER C 236 24.44 11.71 -50.91
CA SER C 236 24.37 11.73 -52.37
C SER C 236 23.18 12.54 -52.92
N GLY C 237 22.25 12.92 -52.03
CA GLY C 237 21.08 13.71 -52.38
C GLY C 237 19.73 13.00 -52.44
N MET C 238 19.68 11.70 -52.09
CA MET C 238 18.43 10.97 -52.09
C MET C 238 17.37 11.74 -51.29
N ASP C 239 16.21 11.96 -51.89
CA ASP C 239 15.19 12.84 -51.31
C ASP C 239 13.88 12.14 -51.02
N ASP C 240 13.72 10.90 -51.48
CA ASP C 240 12.45 10.19 -51.42
C ASP C 240 12.49 9.22 -50.23
N PRO C 241 11.63 9.38 -49.22
CA PRO C 241 11.63 8.48 -48.05
C PRO C 241 11.38 6.99 -48.37
N ASP C 242 10.51 6.71 -49.32
CA ASP C 242 10.23 5.34 -49.73
C ASP C 242 11.44 4.69 -50.35
N ALA C 243 12.16 5.45 -51.18
CA ALA C 243 13.36 4.97 -51.84
C ALA C 243 14.43 4.70 -50.79
N LEU C 244 14.59 5.61 -49.84
CA LEU C 244 15.58 5.38 -48.79
C LEU C 244 15.26 4.11 -48.01
N GLU C 245 13.99 3.93 -47.62
CA GLU C 245 13.58 2.73 -46.89
C GLU C 245 13.85 1.48 -47.72
N ALA C 246 13.54 1.56 -49.02
CA ALA C 246 13.69 0.39 -49.90
C ALA C 246 15.16 0.01 -50.08
N ALA C 247 16.02 1.01 -50.25
CA ALA C 247 17.44 0.78 -50.35
C ALA C 247 18.00 0.15 -49.06
N ILE C 248 17.59 0.67 -47.91
CA ILE C 248 18.09 0.15 -46.64
C ILE C 248 17.64 -1.30 -46.47
N ARG C 249 16.39 -1.59 -46.82
CA ARG C 249 15.81 -2.94 -46.75
C ARG C 249 16.63 -3.94 -47.59
N THR C 250 16.91 -3.57 -48.83
CA THR C 250 17.72 -4.41 -49.73
C THR C 250 19.14 -4.58 -49.18
N PHE C 251 19.72 -3.51 -48.65
CA PHE C 251 21.05 -3.58 -48.06
C PHE C 251 21.12 -4.56 -46.86
N ILE C 252 20.18 -4.48 -45.94
CA ILE C 252 20.08 -5.41 -44.79
C ILE C 252 19.78 -6.88 -45.22
N GLY C 253 18.90 -7.04 -46.20
CA GLY C 253 18.58 -8.36 -46.76
C GLY C 253 19.73 -9.16 -47.35
N ARG C 254 20.84 -8.47 -47.66
CA ARG C 254 22.09 -9.12 -48.02
C ARG C 254 22.66 -10.04 -46.91
N GLN C 255 22.22 -9.82 -45.66
CA GLN C 255 22.54 -10.68 -44.51
C GLN C 255 21.34 -11.56 -44.19
N PRO C 256 21.37 -12.83 -44.61
CA PRO C 256 20.18 -13.68 -44.43
C PRO C 256 19.77 -13.86 -42.99
N LEU C 257 20.73 -13.76 -42.06
CA LEU C 257 20.39 -13.84 -40.64
C LEU C 257 19.60 -12.63 -40.08
N ALA C 258 19.51 -11.54 -40.84
CA ALA C 258 18.81 -10.33 -40.35
C ALA C 258 17.42 -10.15 -40.96
N VAL C 259 16.41 -10.00 -40.13
CA VAL C 259 15.04 -9.74 -40.60
C VAL C 259 14.57 -8.38 -40.05
N PRO C 260 14.43 -7.37 -40.92
CA PRO C 260 13.94 -6.05 -40.46
C PRO C 260 12.50 -6.07 -39.98
N GLU C 261 12.25 -5.70 -38.74
CA GLU C 261 10.89 -5.56 -38.24
C GLU C 261 10.36 -4.13 -38.46
N VAL C 262 11.21 -3.12 -38.31
CA VAL C 262 10.86 -1.73 -38.64
C VAL C 262 12.06 -1.06 -39.29
N ILE C 263 11.83 -0.45 -40.44
CA ILE C 263 12.78 0.52 -41.01
C ILE C 263 11.95 1.79 -41.14
N ALA C 264 12.28 2.78 -40.31
CA ALA C 264 11.50 3.99 -40.14
C ALA C 264 12.36 5.22 -40.47
N ILE C 265 11.84 6.09 -41.33
CA ILE C 265 12.51 7.32 -41.72
C ILE C 265 11.52 8.38 -41.30
N ARG C 266 11.89 9.16 -40.30
CA ARG C 266 10.94 10.02 -39.64
C ARG C 266 11.53 11.38 -39.26
N ASP C 267 10.62 12.31 -38.97
CA ASP C 267 10.96 13.55 -38.32
C ASP C 267 11.52 13.23 -36.94
N PRO C 268 12.70 13.75 -36.60
CA PRO C 268 13.31 13.37 -35.30
C PRO C 268 12.55 13.89 -34.07
N GLU C 269 11.69 14.89 -34.23
CA GLU C 269 10.95 15.43 -33.08
C GLU C 269 9.55 14.87 -32.94
N THR C 270 8.85 14.68 -34.04
CA THR C 270 7.49 14.19 -33.98
C THR C 270 7.41 12.70 -34.27
N LEU C 271 8.47 12.14 -34.83
CA LEU C 271 8.52 10.72 -35.18
C LEU C 271 7.47 10.35 -36.23
N GLU C 272 6.99 11.34 -36.98
CA GLU C 272 5.99 11.09 -38.03
C GLU C 272 6.70 10.97 -39.38
N ARG C 273 6.02 10.35 -40.33
CA ARG C 273 6.50 10.24 -41.71
C ARG C 273 6.72 11.64 -42.38
N LEU C 274 7.65 11.67 -43.31
CA LEU C 274 8.10 12.88 -43.96
C LEU C 274 7.77 12.83 -45.45
N PRO C 275 7.60 13.99 -46.10
CA PRO C 275 7.38 13.99 -47.55
C PRO C 275 8.67 13.96 -48.38
N ALA C 276 9.78 14.43 -47.80
CA ALA C 276 11.05 14.59 -48.54
C ALA C 276 12.18 14.55 -47.52
N LEU C 277 13.43 14.30 -47.95
CA LEU C 277 14.55 14.17 -47.00
C LEU C 277 15.54 15.31 -46.96
N GLN C 278 15.84 15.92 -48.10
CA GLN C 278 16.92 16.91 -48.16
C GLN C 278 16.52 18.20 -47.47
N GLY C 279 17.52 18.88 -46.89
CA GLY C 279 17.32 20.22 -46.28
C GLY C 279 16.79 20.20 -44.85
N ARG C 280 16.73 19.03 -44.24
CA ARG C 280 16.24 18.91 -42.87
C ARG C 280 16.78 17.62 -42.27
N PRO C 281 16.82 17.52 -40.93
CA PRO C 281 17.36 16.30 -40.32
C PRO C 281 16.32 15.19 -40.33
N ILE C 282 16.79 13.95 -40.57
CA ILE C 282 15.91 12.82 -40.58
C ILE C 282 16.37 11.81 -39.54
N LEU C 283 15.41 11.15 -38.91
CA LEU C 283 15.71 10.03 -38.07
C LEU C 283 15.53 8.76 -38.87
N VAL C 284 16.58 7.94 -38.87
CA VAL C 284 16.55 6.59 -39.43
C VAL C 284 16.61 5.63 -38.25
N ALA C 285 15.56 4.86 -38.07
CA ALA C 285 15.40 3.99 -36.89
C ALA C 285 15.22 2.61 -37.43
N LEU C 286 16.07 1.69 -36.97
CA LEU C 286 16.08 0.29 -37.40
C LEU C 286 15.83 -0.64 -36.23
N PHE C 287 14.86 -1.54 -36.39
CA PHE C 287 14.53 -2.57 -35.39
C PHE C 287 14.62 -3.84 -36.21
N VAL C 288 15.68 -4.61 -35.98
CA VAL C 288 16.10 -5.66 -36.88
C VAL C 288 16.32 -6.89 -36.03
N ARG C 289 15.66 -7.98 -36.40
CA ARG C 289 15.72 -9.24 -35.65
C ARG C 289 16.81 -10.14 -36.21
N VAL C 290 17.72 -10.56 -35.34
CA VAL C 290 18.78 -11.53 -35.71
C VAL C 290 18.59 -12.68 -34.72
N GLY C 291 18.04 -13.81 -35.20
CA GLY C 291 17.71 -14.94 -34.32
C GLY C 291 16.58 -14.62 -33.36
N ALA C 292 16.83 -14.70 -32.07
CA ALA C 292 15.85 -14.29 -31.08
C ALA C 292 16.14 -12.88 -30.55
N THR C 293 17.05 -12.16 -31.19
CA THR C 293 17.46 -10.85 -30.68
C THR C 293 16.97 -9.74 -31.60
N ARG C 294 16.22 -8.79 -31.05
CA ARG C 294 15.79 -7.69 -31.88
C ARG C 294 16.69 -6.54 -31.54
N LEU C 295 17.50 -6.15 -32.50
CA LEU C 295 18.48 -5.08 -32.32
C LEU C 295 17.81 -3.77 -32.73
N LEU C 296 18.12 -2.70 -32.00
CA LEU C 296 17.66 -1.38 -32.35
C LEU C 296 18.86 -0.51 -32.54
N ASP C 297 18.79 0.39 -33.52
CA ASP C 297 19.83 1.40 -33.67
C ASP C 297 19.19 2.54 -34.42
N ASN C 298 19.77 3.72 -34.25
CA ASN C 298 19.21 4.97 -34.78
C ASN C 298 20.33 5.92 -35.17
N ARG C 299 20.03 6.77 -36.14
CA ARG C 299 20.89 7.89 -36.44
C ARG C 299 20.07 9.04 -37.00
N VAL C 300 20.37 10.23 -36.51
CA VAL C 300 19.85 11.47 -37.06
C VAL C 300 20.84 11.96 -38.10
N ILE C 301 20.38 12.02 -39.34
CA ILE C 301 21.20 12.37 -40.48
C ILE C 301 20.75 13.73 -41.05
N GLY C 302 21.71 14.58 -41.40
CA GLY C 302 21.41 15.91 -41.95
C GLY C 302 21.17 16.92 -40.85
N HIS C 303 20.76 18.14 -41.23
CA HIS C 303 20.53 19.21 -40.26
C HIS C 303 19.45 20.16 -40.77
N ALA C 304 18.94 21.00 -39.88
CA ALA C 304 17.93 21.98 -40.27
C ALA C 304 18.59 23.16 -40.95
N SER D 21 32.33 -17.25 13.91
CA SER D 21 31.45 -18.43 13.72
C SER D 21 30.04 -18.21 14.27
N MET D 22 29.11 -19.04 13.81
CA MET D 22 27.67 -18.94 14.12
C MET D 22 27.34 -19.22 15.58
N GLN D 23 26.77 -18.23 16.27
CA GLN D 23 26.15 -18.45 17.58
C GLN D 23 24.84 -19.23 17.42
N ILE D 24 24.59 -20.18 18.33
CA ILE D 24 23.29 -20.86 18.46
C ILE D 24 22.58 -20.39 19.74
N ILE D 25 21.37 -19.84 19.61
CA ILE D 25 20.61 -19.33 20.75
C ILE D 25 19.21 -19.94 20.85
N HIS D 26 18.74 -20.13 22.08
CA HIS D 26 17.48 -20.88 22.34
C HIS D 26 16.35 -20.03 22.91
N THR D 27 16.68 -19.01 23.69
CA THR D 27 15.65 -18.23 24.36
C THR D 27 15.45 -16.86 23.69
N ILE D 28 14.29 -16.24 23.96
CA ILE D 28 13.95 -14.93 23.42
C ILE D 28 14.88 -13.87 23.97
N GLU D 29 14.97 -13.80 25.30
CA GLU D 29 15.78 -12.77 25.98
C GLU D 29 17.25 -12.86 25.57
N GLU D 30 17.73 -14.07 25.29
CA GLU D 30 19.10 -14.25 24.81
C GLU D 30 19.26 -13.69 23.40
N LEU D 31 18.30 -13.99 22.53
CA LEU D 31 18.34 -13.54 21.14
C LEU D 31 18.37 -12.03 21.08
N ARG D 32 17.51 -11.38 21.85
CA ARG D 32 17.47 -9.93 21.92
C ARG D 32 18.78 -9.32 22.39
N GLN D 33 19.43 -9.93 23.39
CA GLN D 33 20.72 -9.43 23.88
C GLN D 33 21.80 -9.51 22.80
N ALA D 34 21.82 -10.63 22.11
CA ALA D 34 22.72 -10.84 20.98
C ALA D 34 22.61 -9.75 19.91
N LEU D 35 21.39 -9.30 19.60
CA LEU D 35 21.18 -8.39 18.47
C LEU D 35 21.22 -6.92 18.85
N ALA D 36 21.27 -6.60 20.14
CA ALA D 36 21.03 -5.23 20.61
C ALA D 36 22.08 -4.20 20.14
N PRO D 37 23.38 -4.55 20.16
CA PRO D 37 24.37 -3.59 19.64
C PRO D 37 24.33 -3.44 18.10
N ALA D 38 24.08 -4.54 17.39
CA ALA D 38 23.87 -4.50 15.93
C ALA D 38 22.70 -3.59 15.59
N ARG D 39 21.64 -3.70 16.37
CA ARG D 39 20.43 -2.93 16.14
C ARG D 39 20.71 -1.48 16.41
N GLN D 40 21.34 -1.21 17.55
CA GLN D 40 21.79 0.15 17.89
C GLN D 40 22.65 0.76 16.78
N GLN D 41 23.51 -0.02 16.14
CA GLN D 41 24.40 0.53 15.11
C GLN D 41 23.74 0.70 13.72
N GLY D 42 22.46 0.36 13.59
CA GLY D 42 21.78 0.47 12.27
C GLY D 42 22.18 -0.63 11.30
N LYS D 43 22.78 -1.69 11.81
CA LYS D 43 23.09 -2.85 11.00
C LYS D 43 21.77 -3.45 10.47
N LYS D 44 21.78 -3.88 9.23
CA LYS D 44 20.59 -4.49 8.66
C LYS D 44 20.58 -5.96 9.00
N ILE D 45 19.47 -6.40 9.59
CA ILE D 45 19.21 -7.79 10.00
C ILE D 45 18.28 -8.53 9.01
N GLY D 46 18.82 -9.53 8.33
CA GLY D 46 18.08 -10.42 7.48
C GLY D 46 17.73 -11.70 8.24
N PHE D 47 16.48 -12.11 8.11
CA PHE D 47 15.93 -13.20 8.91
C PHE D 47 15.31 -14.25 7.99
N VAL D 48 15.67 -15.51 8.23
CA VAL D 48 15.13 -16.62 7.48
C VAL D 48 14.47 -17.63 8.46
N PRO D 49 13.14 -17.64 8.53
CA PRO D 49 12.47 -18.63 9.38
C PRO D 49 12.27 -19.99 8.71
N THR D 50 12.64 -21.06 9.42
CA THR D 50 12.50 -22.43 8.91
C THR D 50 12.00 -23.37 10.01
N MET D 51 11.60 -24.57 9.59
CA MET D 51 11.30 -25.68 10.50
C MET D 51 12.37 -26.78 10.38
N GLY D 52 13.53 -26.43 9.81
CA GLY D 52 14.65 -27.38 9.72
C GLY D 52 14.55 -28.31 8.53
N TYR D 53 15.34 -29.37 8.54
CA TYR D 53 15.36 -30.29 7.43
C TYR D 53 15.83 -29.54 6.19
N LEU D 54 16.93 -28.82 6.36
CA LEU D 54 17.42 -27.86 5.37
C LEU D 54 18.01 -28.50 4.11
N HIS D 55 17.67 -27.89 2.97
CA HIS D 55 18.19 -28.28 1.67
C HIS D 55 18.73 -27.07 0.89
N LYS D 56 19.18 -27.32 -0.34
CA LYS D 56 19.72 -26.28 -1.21
C LYS D 56 18.81 -25.04 -1.15
N GLY D 57 17.51 -25.25 -1.36
CA GLY D 57 16.49 -24.20 -1.16
C GLY D 57 16.75 -23.22 -0.02
N HIS D 58 16.73 -23.72 1.21
CA HIS D 58 16.97 -22.90 2.40
C HIS D 58 18.30 -22.15 2.31
N LEU D 59 19.31 -22.80 1.73
CA LEU D 59 20.63 -22.19 1.57
C LEU D 59 20.60 -20.99 0.62
N GLU D 60 19.77 -21.05 -0.43
CA GLU D 60 19.53 -19.87 -1.26
C GLU D 60 18.88 -18.74 -0.46
N LEU D 61 17.82 -19.05 0.30
CA LEU D 61 17.24 -18.05 1.19
C LEU D 61 18.32 -17.40 2.00
N VAL D 62 19.23 -18.20 2.56
CA VAL D 62 20.29 -17.65 3.40
C VAL D 62 21.33 -16.86 2.61
N ARG D 63 21.67 -17.31 1.40
CA ARG D 63 22.59 -16.56 0.55
C ARG D 63 22.05 -15.14 0.30
N ARG D 64 20.78 -15.05 -0.16
CA ARG D 64 20.09 -13.76 -0.37
C ARG D 64 20.17 -12.89 0.86
N ALA D 65 19.76 -13.41 2.00
CA ALA D 65 19.76 -12.61 3.24
C ALA D 65 21.14 -12.04 3.47
N ARG D 66 22.19 -12.84 3.25
CA ARG D 66 23.57 -12.36 3.53
C ARG D 66 24.03 -11.29 2.53
N VAL D 67 23.68 -11.45 1.27
CA VAL D 67 23.96 -10.41 0.28
C VAL D 67 23.32 -9.06 0.69
N GLU D 68 22.09 -9.11 1.20
CA GLU D 68 21.30 -7.89 1.42
C GLU D 68 21.38 -7.28 2.79
N ASN D 69 22.09 -7.94 3.72
CA ASN D 69 22.11 -7.52 5.12
C ASN D 69 23.49 -7.71 5.75
N ASP D 70 23.70 -7.06 6.88
CA ASP D 70 24.96 -7.13 7.62
C ASP D 70 24.99 -8.30 8.61
N VAL D 71 23.84 -8.62 9.21
CA VAL D 71 23.69 -9.73 10.14
C VAL D 71 22.58 -10.64 9.62
N THR D 72 22.86 -11.93 9.50
CA THR D 72 21.85 -12.91 9.10
C THR D 72 21.50 -13.82 10.28
N LEU D 73 20.21 -14.09 10.43
CA LEU D 73 19.66 -14.91 11.51
C LEU D 73 18.69 -15.91 10.91
N VAL D 74 18.90 -17.20 11.18
CA VAL D 74 18.00 -18.24 10.73
C VAL D 74 17.34 -18.84 11.95
N SER D 75 16.03 -19.09 11.88
CA SER D 75 15.34 -19.79 12.95
C SER D 75 14.97 -21.19 12.51
N ILE D 76 15.12 -22.14 13.43
CA ILE D 76 14.61 -23.51 13.25
C ILE D 76 13.57 -23.73 14.33
N PHE D 77 12.33 -23.98 13.95
CA PHE D 77 11.29 -24.24 14.94
C PHE D 77 10.11 -24.92 14.30
N VAL D 78 9.76 -26.09 14.84
CA VAL D 78 8.60 -26.83 14.41
C VAL D 78 7.40 -26.33 15.23
N ASN D 79 6.68 -25.38 14.67
CA ASN D 79 5.59 -24.67 15.34
C ASN D 79 4.32 -25.53 15.51
N PRO D 80 3.93 -25.83 16.77
CA PRO D 80 2.69 -26.62 16.99
C PRO D 80 1.39 -25.91 16.60
N LEU D 81 1.37 -24.57 16.67
CA LEU D 81 0.19 -23.78 16.26
C LEU D 81 -0.23 -24.08 14.82
N GLN D 82 0.73 -24.45 13.97
CA GLN D 82 0.42 -24.86 12.59
C GLN D 82 -0.21 -26.27 12.58
N PHE D 83 0.38 -27.17 13.37
CA PHE D 83 -0.08 -28.57 13.41
C PHE D 83 -1.34 -28.73 14.30
N GLY D 84 -2.01 -29.87 14.15
CA GLY D 84 -3.15 -30.20 15.03
C GLY D 84 -2.74 -30.30 16.50
N ALA D 85 -3.66 -29.95 17.40
CA ALA D 85 -3.35 -29.88 18.83
C ALA D 85 -2.84 -31.18 19.47
N ASN D 86 -3.08 -32.33 18.81
CA ASN D 86 -2.63 -33.65 19.30
C ASN D 86 -1.51 -34.28 18.45
N ASP D 95 16.91 -33.44 13.30
CA ASP D 95 18.36 -33.43 13.49
C ASP D 95 18.95 -31.99 13.44
N LEU D 96 19.10 -31.39 14.62
CA LEU D 96 19.72 -30.06 14.76
C LEU D 96 21.21 -30.02 14.37
N GLU D 97 21.83 -31.19 14.23
CA GLU D 97 23.25 -31.31 13.87
C GLU D 97 23.53 -31.05 12.40
N ARG D 98 22.85 -31.80 11.52
CA ARG D 98 23.01 -31.64 10.06
C ARG D 98 22.60 -30.23 9.60
N ASP D 99 21.52 -29.72 10.19
CA ASP D 99 21.02 -28.36 9.91
C ASP D 99 22.03 -27.29 10.32
N ALA D 100 22.37 -27.23 11.60
CA ALA D 100 23.32 -26.25 12.10
C ALA D 100 24.67 -26.36 11.38
N GLY D 101 24.98 -27.55 10.89
CA GLY D 101 26.19 -27.78 10.10
C GLY D 101 26.18 -26.91 8.87
N LEU D 102 25.23 -27.18 7.97
CA LEU D 102 25.02 -26.39 6.75
C LEU D 102 24.97 -24.88 7.02
N LEU D 103 24.39 -24.46 8.15
CA LEU D 103 24.29 -23.04 8.47
C LEU D 103 25.65 -22.44 8.87
N HIS D 104 26.51 -23.26 9.48
CA HIS D 104 27.86 -22.80 9.80
C HIS D 104 28.67 -22.65 8.51
N ASP D 105 28.55 -23.61 7.58
CA ASP D 105 29.21 -23.53 6.27
C ASP D 105 28.75 -22.26 5.53
N ALA D 106 27.43 -22.04 5.53
CA ALA D 106 26.79 -20.87 4.88
C ALA D 106 27.05 -19.51 5.54
N GLN D 107 27.83 -19.49 6.64
CA GLN D 107 28.27 -18.26 7.31
C GLN D 107 27.16 -17.44 7.99
N VAL D 108 26.05 -18.12 8.31
CA VAL D 108 24.99 -17.52 9.12
C VAL D 108 25.59 -16.93 10.39
N ASP D 109 25.11 -15.77 10.83
CA ASP D 109 25.62 -15.19 12.09
C ASP D 109 24.96 -15.83 13.31
N TYR D 110 23.65 -16.03 13.26
CA TYR D 110 22.88 -16.56 14.39
C TYR D 110 21.89 -17.66 14.00
N LEU D 111 21.85 -18.73 14.80
CA LEU D 111 20.82 -19.75 14.68
C LEU D 111 19.95 -19.63 15.91
N PHE D 112 18.65 -19.55 15.68
CA PHE D 112 17.69 -19.42 16.77
C PHE D 112 16.93 -20.72 16.78
N ALA D 113 17.18 -21.52 17.82
CA ALA D 113 16.67 -22.88 17.90
C ALA D 113 15.97 -23.11 19.23
N PRO D 114 14.84 -22.41 19.46
CA PRO D 114 14.05 -22.54 20.68
C PRO D 114 13.35 -23.89 20.76
N THR D 115 13.11 -24.36 21.99
CA THR D 115 12.25 -25.51 22.24
C THR D 115 10.86 -24.95 22.30
N VAL D 116 9.84 -25.81 22.22
CA VAL D 116 8.45 -25.35 22.26
C VAL D 116 8.20 -24.49 23.50
N SER D 117 8.88 -24.80 24.61
CA SER D 117 8.74 -24.03 25.84
C SER D 117 9.42 -22.67 25.78
N ASP D 118 10.50 -22.54 25.00
CA ASP D 118 11.16 -21.25 24.83
C ASP D 118 10.25 -20.26 24.08
N MET D 119 9.51 -20.77 23.09
CA MET D 119 8.60 -19.95 22.29
C MET D 119 7.27 -19.72 23.02
N TYR D 120 6.72 -20.79 23.59
CA TYR D 120 5.42 -20.73 24.24
C TYR D 120 5.48 -21.22 25.70
N PRO D 121 5.94 -20.35 26.64
CA PRO D 121 6.01 -20.69 28.07
C PRO D 121 4.69 -21.16 28.65
N ARG D 122 3.63 -20.48 28.25
CA ARG D 122 2.26 -20.88 28.55
C ARG D 122 1.56 -21.07 27.21
N PRO D 123 0.34 -21.63 27.22
CA PRO D 123 -0.33 -21.80 25.94
C PRO D 123 -0.77 -20.46 25.36
N MET D 124 -0.82 -20.37 24.04
CA MET D 124 -1.19 -19.12 23.37
C MET D 124 -2.69 -18.95 23.45
N GLN D 125 -3.13 -17.77 23.84
CA GLN D 125 -4.52 -17.39 23.69
C GLN D 125 -4.72 -16.43 22.51
N THR D 126 -3.66 -15.71 22.12
CA THR D 126 -3.73 -14.77 20.99
C THR D 126 -3.62 -15.47 19.62
N VAL D 127 -4.43 -15.05 18.66
CA VAL D 127 -4.41 -15.57 17.31
C VAL D 127 -4.34 -14.40 16.32
N VAL D 128 -3.47 -14.56 15.31
CA VAL D 128 -3.41 -13.67 14.14
C VAL D 128 -3.83 -14.54 12.98
N ASP D 129 -4.71 -14.00 12.15
CA ASP D 129 -5.14 -14.67 10.94
C ASP D 129 -5.41 -13.64 9.84
N VAL D 130 -5.37 -14.13 8.62
CA VAL D 130 -5.76 -13.32 7.46
C VAL D 130 -6.83 -14.17 6.78
N PRO D 131 -8.06 -14.13 7.31
CA PRO D 131 -9.06 -15.13 6.85
C PRO D 131 -9.41 -15.18 5.34
N PRO D 132 -9.55 -14.02 4.69
CA PRO D 132 -9.91 -14.08 3.26
C PRO D 132 -8.88 -14.79 2.39
N LEU D 133 -7.61 -14.69 2.75
CA LEU D 133 -6.54 -15.33 2.02
C LEU D 133 -6.35 -16.75 2.52
N GLY D 134 -6.57 -16.95 3.81
CA GLY D 134 -6.35 -18.22 4.47
C GLY D 134 -7.41 -19.23 4.13
N ASN D 135 -8.57 -18.74 3.69
CA ASN D 135 -9.70 -19.58 3.37
C ASN D 135 -9.77 -19.79 1.87
N GLN D 136 -8.63 -20.05 1.24
CA GLN D 136 -8.60 -20.38 -0.20
C GLN D 136 -7.68 -21.57 -0.39
N ILE D 137 -7.84 -22.23 -1.54
CA ILE D 137 -7.03 -23.39 -1.89
C ILE D 137 -7.04 -24.42 -0.75
N GLU D 138 -5.98 -24.45 0.04
CA GLU D 138 -5.80 -25.40 1.14
C GLU D 138 -6.74 -25.11 2.33
N GLY D 139 -7.16 -23.85 2.47
CA GLY D 139 -8.06 -23.44 3.55
C GLY D 139 -9.54 -23.50 3.22
N GLU D 140 -9.88 -24.08 2.07
CA GLU D 140 -11.28 -24.27 1.66
C GLU D 140 -11.80 -23.05 0.90
N PRO D 143 -10.41 -23.28 7.19
CA PRO D 143 -11.03 -22.26 8.06
C PRO D 143 -10.24 -22.08 9.36
N GLY D 144 -9.35 -21.09 9.37
CA GLY D 144 -8.32 -20.95 10.39
C GLY D 144 -7.03 -21.61 9.94
N HIS D 145 -7.06 -22.14 8.71
CA HIS D 145 -6.01 -23.02 8.22
C HIS D 145 -4.59 -22.40 8.32
N PHE D 146 -4.46 -21.11 8.02
CA PHE D 146 -3.15 -20.46 8.07
C PHE D 146 -2.93 -19.53 9.28
N ALA D 147 -3.83 -19.62 10.26
CA ALA D 147 -3.70 -18.89 11.52
C ALA D 147 -2.41 -19.25 12.26
N GLY D 148 -2.08 -20.54 12.27
CA GLY D 148 -0.86 -20.97 12.93
C GLY D 148 0.36 -20.28 12.34
N VAL D 149 0.47 -20.26 11.02
CA VAL D 149 1.64 -19.61 10.40
C VAL D 149 1.68 -18.09 10.67
N ALA D 150 0.56 -17.40 10.52
CA ALA D 150 0.52 -15.94 10.70
C ALA D 150 0.95 -15.57 12.11
N THR D 151 0.46 -16.36 13.06
CA THR D 151 0.73 -16.11 14.48
C THR D 151 2.20 -16.30 14.76
N VAL D 152 2.77 -17.43 14.33
CA VAL D 152 4.18 -17.63 14.63
C VAL D 152 5.05 -16.61 13.89
N VAL D 153 4.74 -16.29 12.63
CA VAL D 153 5.58 -15.31 11.88
C VAL D 153 5.50 -13.95 12.55
N SER D 154 4.31 -13.53 12.97
CA SER D 154 4.19 -12.27 13.73
C SER D 154 5.00 -12.24 15.03
N LYS D 155 4.97 -13.35 15.79
CA LYS D 155 5.75 -13.46 17.02
C LYS D 155 7.22 -13.43 16.68
N LEU D 156 7.62 -14.25 15.70
CA LEU D 156 9.02 -14.25 15.33
C LEU D 156 9.51 -12.82 14.96
N PHE D 157 8.72 -12.07 14.19
CA PHE D 157 9.13 -10.69 13.79
C PHE D 157 9.27 -9.79 14.99
N ASN D 158 8.39 -9.96 15.95
CA ASN D 158 8.49 -9.22 17.20
C ASN D 158 9.74 -9.53 17.98
N ILE D 159 10.10 -10.81 17.99
CA ILE D 159 11.28 -11.29 18.70
C ILE D 159 12.56 -10.80 18.05
N VAL D 160 12.71 -11.05 16.74
CA VAL D 160 13.93 -10.73 15.99
C VAL D 160 14.04 -9.26 15.55
N GLY D 161 12.90 -8.62 15.22
CA GLY D 161 12.88 -7.22 14.78
C GLY D 161 13.74 -7.03 13.55
N PRO D 162 13.49 -7.82 12.52
CA PRO D 162 14.41 -7.80 11.40
C PRO D 162 14.10 -6.65 10.45
N ASP D 163 15.09 -6.30 9.62
CA ASP D 163 14.84 -5.35 8.52
C ASP D 163 14.24 -6.07 7.32
N ALA D 164 14.66 -7.31 7.04
CA ALA D 164 14.05 -8.09 5.95
C ALA D 164 13.90 -9.57 6.30
N ALA D 165 12.90 -10.21 5.72
CA ALA D 165 12.64 -11.63 5.95
C ALA D 165 12.44 -12.35 4.64
N TYR D 166 13.03 -13.54 4.56
CA TYR D 166 13.11 -14.31 3.32
C TYR D 166 12.32 -15.61 3.38
N PHE D 167 11.49 -15.78 2.37
CA PHE D 167 10.60 -16.91 2.23
C PHE D 167 10.68 -17.42 0.83
N GLY D 168 10.37 -18.72 0.65
CA GLY D 168 10.40 -19.34 -0.64
C GLY D 168 9.08 -19.14 -1.31
N GLU D 169 9.12 -18.93 -2.62
CA GLU D 169 7.92 -18.79 -3.43
C GLU D 169 7.26 -20.12 -3.67
N LYS D 170 7.99 -21.20 -3.37
CA LYS D 170 7.47 -22.56 -3.35
C LYS D 170 6.11 -22.59 -2.61
N ASP D 171 6.11 -22.08 -1.40
CA ASP D 171 4.89 -21.94 -0.60
C ASP D 171 4.23 -20.60 -0.85
N PHE D 172 3.50 -20.52 -1.97
CA PHE D 172 2.93 -19.28 -2.46
C PHE D 172 1.88 -18.70 -1.51
N GLN D 173 0.88 -19.50 -1.17
CA GLN D 173 -0.20 -19.05 -0.31
C GLN D 173 0.33 -18.42 0.99
N GLN D 174 1.29 -19.09 1.61
CA GLN D 174 1.92 -18.60 2.79
C GLN D 174 2.51 -17.20 2.58
N LEU D 175 3.21 -17.04 1.47
CA LEU D 175 3.89 -15.79 1.16
C LEU D 175 2.90 -14.68 0.96
N VAL D 176 1.84 -14.97 0.21
CA VAL D 176 0.84 -13.96 -0.06
C VAL D 176 0.17 -13.51 1.25
N ILE D 177 -0.03 -14.46 2.17
CA ILE D 177 -0.65 -14.20 3.45
C ILE D 177 0.29 -13.37 4.31
N ILE D 178 1.55 -13.77 4.35
CA ILE D 178 2.51 -13.01 5.14
C ILE D 178 2.68 -11.58 4.62
N ARG D 179 2.72 -11.40 3.30
CA ARG D 179 2.78 -10.06 2.74
C ARG D 179 1.57 -9.21 3.15
N ARG D 180 0.38 -9.79 3.11
CA ARG D 180 -0.83 -9.04 3.49
CA ARG D 180 -0.84 -9.04 3.49
C ARG D 180 -0.80 -8.67 4.95
N MET D 181 -0.34 -9.60 5.78
CA MET D 181 -0.36 -9.40 7.23
C MET D 181 0.56 -8.24 7.58
N VAL D 182 1.71 -8.23 6.95
CA VAL D 182 2.71 -7.23 7.21
C VAL D 182 2.20 -5.86 6.78
N ASP D 183 1.62 -5.78 5.60
CA ASP D 183 1.04 -4.52 5.15
C ASP D 183 -0.06 -4.06 6.13
N ASP D 184 -1.05 -4.91 6.35
CA ASP D 184 -2.23 -4.57 7.19
C ASP D 184 -1.79 -4.16 8.60
N MET D 185 -0.79 -4.83 9.14
CA MET D 185 -0.42 -4.61 10.52
C MET D 185 0.71 -3.59 10.67
N ALA D 186 1.15 -3.01 9.54
CA ALA D 186 2.23 -2.07 9.55
C ALA D 186 3.48 -2.67 10.20
N ILE D 187 3.74 -3.94 9.98
CA ILE D 187 4.96 -4.56 10.51
C ILE D 187 6.13 -4.02 9.72
N PRO D 188 7.12 -3.39 10.41
CA PRO D 188 8.25 -2.74 9.73
C PRO D 188 9.31 -3.72 9.25
N VAL D 189 8.93 -4.60 8.34
CA VAL D 189 9.81 -5.63 7.87
C VAL D 189 9.58 -5.73 6.36
N ARG D 190 10.65 -5.80 5.59
CA ARG D 190 10.52 -6.08 4.21
CA ARG D 190 10.52 -6.09 4.17
C ARG D 190 10.41 -7.61 3.98
N ILE D 191 9.39 -8.02 3.26
CA ILE D 191 9.18 -9.42 2.95
C ILE D 191 9.69 -9.76 1.54
N VAL D 192 10.63 -10.68 1.46
CA VAL D 192 11.26 -11.00 0.21
C VAL D 192 10.97 -12.43 -0.21
N GLY D 193 10.36 -12.57 -1.37
CA GLY D 193 10.04 -13.87 -1.94
C GLY D 193 11.18 -14.36 -2.84
N VAL D 194 11.71 -15.56 -2.56
CA VAL D 194 12.86 -16.07 -3.32
C VAL D 194 12.41 -17.18 -4.25
N GLU D 195 12.91 -17.11 -5.48
CA GLU D 195 12.58 -18.07 -6.49
C GLU D 195 12.95 -19.50 -6.03
N THR D 196 12.06 -20.44 -6.29
CA THR D 196 12.25 -21.85 -5.92
C THR D 196 13.57 -22.42 -6.47
N VAL D 197 14.42 -22.95 -5.60
CA VAL D 197 15.64 -23.64 -6.03
C VAL D 197 15.23 -25.02 -6.57
N ARG D 198 15.83 -25.42 -7.68
CA ARG D 198 15.39 -26.65 -8.35
C ARG D 198 16.52 -27.58 -8.67
N GLU D 199 16.16 -28.85 -8.85
CA GLU D 199 17.15 -29.91 -9.01
C GLU D 199 17.45 -30.05 -10.48
N ASP D 200 18.46 -30.89 -10.80
CA ASP D 200 18.90 -31.12 -12.17
C ASP D 200 17.79 -31.11 -13.20
N ASP D 201 16.68 -31.78 -12.89
CA ASP D 201 15.68 -32.04 -13.90
C ASP D 201 14.47 -31.10 -13.85
N GLY D 202 14.55 -30.04 -13.04
CA GLY D 202 13.43 -29.12 -12.86
C GLY D 202 12.63 -29.37 -11.58
N LEU D 203 12.76 -30.54 -10.95
CA LEU D 203 11.95 -30.79 -9.76
C LEU D 203 12.29 -29.86 -8.58
N ALA D 204 11.26 -29.29 -7.96
CA ALA D 204 11.46 -28.33 -6.86
C ALA D 204 12.16 -28.98 -5.67
N CYS D 205 13.21 -28.33 -5.14
CA CYS D 205 13.88 -28.84 -3.95
C CYS D 205 12.91 -28.94 -2.78
N SER D 206 12.99 -30.06 -2.04
CA SER D 206 12.10 -30.28 -0.90
C SER D 206 12.64 -31.38 0.02
N SER D 207 12.40 -31.26 1.32
CA SER D 207 12.79 -32.33 2.23
C SER D 207 11.92 -33.59 2.04
N ARG D 208 10.79 -33.46 1.35
CA ARG D 208 9.95 -34.59 0.98
C ARG D 208 10.53 -35.47 -0.16
N ASN D 209 11.44 -34.91 -0.95
CA ASN D 209 12.05 -35.62 -2.09
C ASN D 209 12.82 -36.90 -1.70
N VAL D 210 13.49 -36.84 -0.54
CA VAL D 210 14.24 -37.95 0.05
C VAL D 210 13.44 -39.28 0.12
N TYR D 211 12.12 -39.18 0.24
CA TYR D 211 11.24 -40.34 0.41
C TYR D 211 10.85 -41.06 -0.88
N LEU D 212 11.07 -40.45 -2.03
CA LEU D 212 10.71 -41.10 -3.29
C LEU D 212 11.62 -42.31 -3.53
N THR D 213 11.07 -43.41 -4.05
CA THR D 213 11.92 -44.46 -4.57
C THR D 213 12.60 -43.85 -5.81
N PRO D 214 13.77 -44.39 -6.22
CA PRO D 214 14.34 -43.90 -7.48
C PRO D 214 13.38 -43.94 -8.68
N GLU D 215 12.56 -44.99 -8.78
CA GLU D 215 11.51 -45.02 -9.82
C GLU D 215 10.56 -43.82 -9.72
N GLN D 216 10.14 -43.52 -8.49
CA GLN D 216 9.20 -42.42 -8.23
C GLN D 216 9.84 -41.06 -8.52
N ARG D 217 11.12 -40.94 -8.16
CA ARG D 217 11.89 -39.74 -8.42
C ARG D 217 11.99 -39.45 -9.92
N ARG D 218 12.14 -40.49 -10.75
CA ARG D 218 12.14 -40.32 -12.20
C ARG D 218 10.73 -40.00 -12.72
N ALA D 219 9.71 -40.48 -12.02
CA ALA D 219 8.34 -40.15 -12.36
C ALA D 219 7.99 -38.70 -11.95
N ALA D 220 8.65 -38.19 -10.93
CA ALA D 220 8.29 -36.90 -10.31
C ALA D 220 8.54 -35.68 -11.21
N ILE D 221 9.43 -35.84 -12.20
CA ILE D 221 9.67 -34.81 -13.23
C ILE D 221 8.37 -34.38 -13.91
N ILE D 222 7.34 -35.25 -13.89
CA ILE D 222 6.07 -34.85 -14.46
C ILE D 222 5.52 -33.54 -13.82
N VAL D 223 5.90 -33.26 -12.58
CA VAL D 223 5.42 -32.06 -11.87
C VAL D 223 5.86 -30.78 -12.61
N PRO D 224 7.17 -30.51 -12.69
CA PRO D 224 7.54 -29.25 -13.38
C PRO D 224 7.21 -29.28 -14.87
N GLN D 225 7.26 -30.46 -15.48
CA GLN D 225 6.78 -30.62 -16.87
C GLN D 225 5.30 -30.20 -17.04
N ALA D 226 4.48 -30.40 -16.02
CA ALA D 226 3.06 -29.99 -16.10
C ALA D 226 2.92 -28.46 -16.08
N LEU D 227 3.79 -27.79 -15.32
CA LEU D 227 3.84 -26.30 -15.29
C LEU D 227 4.34 -25.72 -16.63
N ASP D 228 5.39 -26.33 -17.21
CA ASP D 228 5.85 -25.97 -18.56
C ASP D 228 4.70 -26.07 -19.54
N GLU D 229 3.97 -27.18 -19.46
CA GLU D 229 2.81 -27.40 -20.30
C GLU D 229 1.69 -26.38 -20.00
N ALA D 230 1.52 -26.04 -18.72
CA ALA D 230 0.59 -24.96 -18.32
C ALA D 230 0.98 -23.68 -19.05
N ASP D 231 2.26 -23.32 -18.90
CA ASP D 231 2.88 -22.20 -19.61
C ASP D 231 2.53 -22.28 -21.11
N ARG D 232 2.77 -23.44 -21.74
CA ARG D 232 2.57 -23.58 -23.18
C ARG D 232 1.12 -23.31 -23.59
N LEU D 233 0.17 -23.90 -22.88
CA LEU D 233 -1.24 -23.71 -23.21
C LEU D 233 -1.69 -22.25 -23.10
N TYR D 234 -1.17 -21.56 -22.08
CA TYR D 234 -1.49 -20.14 -21.86
C TYR D 234 -0.90 -19.27 -22.97
N ARG D 235 0.33 -19.57 -23.36
CA ARG D 235 0.97 -18.87 -24.49
C ARG D 235 0.18 -19.10 -25.80
N SER D 236 -0.44 -20.26 -25.93
CA SER D 236 -1.25 -20.57 -27.12
C SER D 236 -2.67 -19.99 -27.05
N GLY D 237 -2.98 -19.20 -26.02
CA GLY D 237 -4.23 -18.46 -25.97
C GLY D 237 -5.40 -19.13 -25.24
N MET D 238 -5.15 -20.21 -24.52
CA MET D 238 -6.21 -20.84 -23.74
C MET D 238 -6.76 -19.85 -22.72
N ASP D 239 -8.09 -19.70 -22.71
CA ASP D 239 -8.76 -18.61 -21.98
C ASP D 239 -9.71 -19.06 -20.86
N ASP D 240 -9.92 -20.37 -20.74
CA ASP D 240 -10.87 -20.89 -19.77
C ASP D 240 -10.16 -21.74 -18.72
N PRO D 241 -10.32 -21.41 -17.42
CA PRO D 241 -9.62 -22.14 -16.32
C PRO D 241 -9.96 -23.61 -16.14
N ASP D 242 -11.17 -24.02 -16.56
CA ASP D 242 -11.57 -25.44 -16.50
C ASP D 242 -10.91 -26.23 -17.63
N ALA D 243 -11.00 -25.70 -18.85
CA ALA D 243 -10.20 -26.20 -19.96
C ALA D 243 -8.72 -26.42 -19.55
N LEU D 244 -8.12 -25.46 -18.84
CA LEU D 244 -6.73 -25.58 -18.43
C LEU D 244 -6.59 -26.69 -17.42
N GLU D 245 -7.51 -26.74 -16.46
CA GLU D 245 -7.44 -27.76 -15.41
C GLU D 245 -7.52 -29.16 -16.03
N ALA D 246 -8.47 -29.35 -16.95
CA ALA D 246 -8.64 -30.65 -17.61
C ALA D 246 -7.44 -31.00 -18.48
N ALA D 247 -6.85 -30.01 -19.15
CA ALA D 247 -5.65 -30.27 -19.94
C ALA D 247 -4.47 -30.68 -19.05
N ILE D 248 -4.37 -30.07 -17.87
CA ILE D 248 -3.29 -30.40 -16.93
C ILE D 248 -3.53 -31.75 -16.26
N ARG D 249 -4.78 -32.02 -15.88
CA ARG D 249 -5.18 -33.33 -15.36
C ARG D 249 -4.71 -34.43 -16.29
N THR D 250 -5.13 -34.33 -17.56
CA THR D 250 -4.79 -35.30 -18.62
C THR D 250 -3.27 -35.46 -18.85
N PHE D 251 -2.54 -34.35 -18.85
CA PHE D 251 -1.09 -34.36 -19.03
C PHE D 251 -0.37 -35.15 -17.92
N ILE D 252 -0.82 -34.98 -16.68
CA ILE D 252 -0.19 -35.67 -15.55
C ILE D 252 -0.58 -37.16 -15.56
N GLY D 253 -1.78 -37.46 -16.05
CA GLY D 253 -2.24 -38.83 -16.28
C GLY D 253 -1.25 -39.67 -17.09
N ARG D 254 -0.60 -39.03 -18.07
CA ARG D 254 0.46 -39.69 -18.83
C ARG D 254 1.42 -40.44 -17.92
N GLN D 255 1.44 -40.12 -16.63
CA GLN D 255 2.34 -40.76 -15.69
C GLN D 255 1.59 -41.39 -14.51
N PRO D 256 1.25 -42.71 -14.61
CA PRO D 256 0.45 -43.44 -13.58
C PRO D 256 1.01 -43.45 -12.15
N LEU D 257 2.32 -43.42 -11.98
CA LEU D 257 2.89 -43.24 -10.63
C LEU D 257 2.56 -41.88 -9.97
N ALA D 258 1.87 -41.00 -10.70
CA ALA D 258 1.60 -39.63 -10.25
C ALA D 258 0.11 -39.33 -10.27
N VAL D 259 -0.43 -39.00 -9.11
CA VAL D 259 -1.85 -38.69 -9.00
C VAL D 259 -2.02 -37.22 -8.56
N PRO D 260 -2.75 -36.43 -9.36
CA PRO D 260 -2.95 -35.02 -9.01
C PRO D 260 -4.12 -34.80 -8.03
N GLU D 261 -3.80 -34.43 -6.79
CA GLU D 261 -4.85 -34.19 -5.79
C GLU D 261 -5.61 -32.92 -6.09
N VAL D 262 -4.88 -31.82 -6.31
CA VAL D 262 -5.49 -30.51 -6.56
C VAL D 262 -4.71 -29.73 -7.63
N ILE D 263 -5.44 -29.25 -8.62
CA ILE D 263 -4.90 -28.35 -9.62
C ILE D 263 -5.63 -27.01 -9.45
N ALA D 264 -4.99 -26.11 -8.72
CA ALA D 264 -5.55 -24.78 -8.44
C ALA D 264 -5.07 -23.76 -9.47
N ILE D 265 -6.00 -23.24 -10.25
CA ILE D 265 -5.74 -22.15 -11.15
C ILE D 265 -6.41 -20.91 -10.56
N ARG D 266 -5.59 -19.95 -10.09
CA ARG D 266 -6.08 -18.84 -9.30
C ARG D 266 -5.40 -17.49 -9.62
N ASP D 267 -6.10 -16.43 -9.22
CA ASP D 267 -5.54 -15.08 -9.16
C ASP D 267 -4.41 -15.07 -8.17
N PRO D 268 -3.20 -14.64 -8.57
CA PRO D 268 -2.07 -14.68 -7.66
C PRO D 268 -2.16 -13.68 -6.50
N GLU D 269 -3.01 -12.66 -6.63
CA GLU D 269 -3.17 -11.67 -5.56
CA GLU D 269 -3.21 -11.64 -5.58
C GLU D 269 -4.18 -12.14 -4.51
N THR D 270 -5.38 -12.52 -4.93
CA THR D 270 -6.45 -12.90 -4.00
C THR D 270 -6.65 -14.42 -3.77
N LEU D 271 -5.98 -15.23 -4.59
CA LEU D 271 -6.08 -16.68 -4.60
C LEU D 271 -7.49 -17.22 -4.92
N GLU D 272 -8.35 -16.38 -5.50
CA GLU D 272 -9.68 -16.81 -5.87
C GLU D 272 -9.68 -17.43 -7.27
N ARG D 273 -10.71 -18.20 -7.57
CA ARG D 273 -10.94 -18.68 -8.93
C ARG D 273 -11.09 -17.52 -9.91
N LEU D 274 -10.73 -17.78 -11.15
CA LEU D 274 -10.70 -16.75 -12.17
C LEU D 274 -11.86 -16.96 -13.14
N PRO D 275 -12.39 -15.87 -13.72
CA PRO D 275 -13.39 -16.01 -14.77
C PRO D 275 -12.79 -16.30 -16.16
N ALA D 276 -11.57 -15.85 -16.41
CA ALA D 276 -10.87 -16.09 -17.68
C ALA D 276 -9.37 -16.01 -17.44
N LEU D 277 -8.54 -16.48 -18.37
CA LEU D 277 -7.10 -16.53 -18.14
C LEU D 277 -6.30 -15.47 -18.89
N GLN D 278 -6.67 -15.21 -20.15
CA GLN D 278 -5.83 -14.36 -21.01
C GLN D 278 -5.83 -12.92 -20.53
N GLY D 279 -4.66 -12.27 -20.63
CA GLY D 279 -4.52 -10.85 -20.34
C GLY D 279 -4.30 -10.52 -18.88
N ARG D 280 -4.10 -11.55 -18.05
CA ARG D 280 -3.87 -11.34 -16.62
C ARG D 280 -2.99 -12.46 -16.11
N PRO D 281 -2.09 -12.16 -15.16
CA PRO D 281 -1.26 -13.25 -14.64
C PRO D 281 -2.10 -14.31 -13.90
N ILE D 282 -1.71 -15.58 -14.01
CA ILE D 282 -2.41 -16.66 -13.30
C ILE D 282 -1.44 -17.49 -12.46
N LEU D 283 -1.93 -17.95 -11.31
CA LEU D 283 -1.21 -18.89 -10.46
C LEU D 283 -1.72 -20.27 -10.80
N VAL D 284 -0.79 -21.18 -11.03
CA VAL D 284 -1.08 -22.60 -11.26
C VAL D 284 -0.36 -23.27 -10.14
N ALA D 285 -1.11 -23.86 -9.23
CA ALA D 285 -0.53 -24.54 -8.07
C ALA D 285 -0.96 -25.99 -8.15
N LEU D 286 0.02 -26.87 -8.03
CA LEU D 286 -0.18 -28.29 -8.15
C LEU D 286 0.13 -28.97 -6.84
N PHE D 287 -0.76 -29.89 -6.46
CA PHE D 287 -0.48 -30.82 -5.39
C PHE D 287 -0.71 -32.19 -5.99
N VAL D 288 0.37 -32.96 -6.05
CA VAL D 288 0.37 -34.21 -6.77
C VAL D 288 0.92 -35.33 -5.90
N ARG D 289 0.23 -36.47 -5.93
CA ARG D 289 0.64 -37.65 -5.18
C ARG D 289 1.50 -38.54 -6.06
N VAL D 290 2.73 -38.76 -5.62
CA VAL D 290 3.58 -39.72 -6.27
C VAL D 290 3.86 -40.78 -5.23
N GLY D 291 3.11 -41.88 -5.39
CA GLY D 291 3.11 -42.97 -4.42
C GLY D 291 2.57 -42.49 -3.10
N ALA D 292 3.48 -42.39 -2.13
CA ALA D 292 3.12 -41.98 -0.77
C ALA D 292 3.29 -40.50 -0.56
N THR D 293 4.24 -39.90 -1.26
CA THR D 293 4.72 -38.58 -0.93
C THR D 293 3.96 -37.51 -1.70
N ARG D 294 3.68 -36.41 -1.00
CA ARG D 294 3.02 -35.26 -1.59
C ARG D 294 4.08 -34.27 -2.10
N LEU D 295 3.95 -33.90 -3.38
CA LEU D 295 4.86 -32.95 -4.01
C LEU D 295 4.04 -31.75 -4.43
N LEU D 296 4.62 -30.57 -4.22
CA LEU D 296 3.99 -29.29 -4.48
C LEU D 296 4.89 -28.49 -5.39
N ASP D 297 4.30 -27.73 -6.30
CA ASP D 297 5.02 -26.79 -7.12
C ASP D 297 3.97 -25.84 -7.66
N ASN D 298 4.41 -24.69 -8.12
CA ASN D 298 3.49 -23.69 -8.67
C ASN D 298 4.24 -22.78 -9.61
N ARG D 299 3.51 -22.08 -10.45
CA ARG D 299 4.10 -21.09 -11.33
C ARG D 299 3.11 -19.97 -11.56
N VAL D 300 3.58 -18.74 -11.43
CA VAL D 300 2.85 -17.58 -11.90
C VAL D 300 3.14 -17.49 -13.35
N ILE D 301 2.10 -17.53 -14.18
CA ILE D 301 2.24 -17.54 -15.61
C ILE D 301 1.59 -16.27 -16.13
N GLY D 302 2.33 -15.52 -16.95
CA GLY D 302 1.85 -14.28 -17.54
C GLY D 302 2.24 -13.13 -16.63
N HIS D 303 2.08 -11.91 -17.12
CA HIS D 303 2.38 -10.72 -16.32
C HIS D 303 1.45 -9.58 -16.71
N ALA D 304 1.39 -8.56 -15.86
CA ALA D 304 0.48 -7.45 -16.05
C ALA D 304 0.99 -6.59 -17.19
N ALA D 305 0.08 -6.26 -18.10
CA ALA D 305 0.34 -5.32 -19.16
C ALA D 305 -0.12 -3.93 -18.67
N PRO D 306 0.32 -2.85 -19.34
CA PRO D 306 -0.19 -1.49 -19.05
C PRO D 306 -1.72 -1.47 -19.19
N GLN D 307 -2.39 -0.60 -18.45
CA GLN D 307 -3.87 -0.59 -18.43
C GLN D 307 -4.51 -0.20 -19.76
PG ATP E . -8.23 1.85 21.92
O1G ATP E . -8.21 1.95 20.38
O2G ATP E . -9.44 1.13 22.50
O3G ATP E . -6.95 1.41 22.59
PB ATP E . -9.13 3.52 23.93
O1B ATP E . -8.11 4.05 24.93
O2B ATP E . -9.80 2.19 24.21
O3B ATP E . -8.38 3.36 22.50
PA ATP E . -10.62 5.74 24.93
O1A ATP E . -12.00 5.44 25.47
O2A ATP E . -10.30 7.15 24.45
O3A ATP E . -10.28 4.66 23.77
O5' ATP E . -9.57 5.39 26.09
C5' ATP E . -8.20 5.72 25.94
C4' ATP E . -7.54 5.21 27.20
O4' ATP E . -7.95 5.99 28.33
C3' ATP E . -8.03 3.78 27.42
O3' ATP E . -6.96 2.92 27.75
C2' ATP E . -9.02 3.92 28.55
O2' ATP E . -9.10 2.78 29.41
C1' ATP E . -8.49 5.13 29.30
N9 ATP E . -9.63 5.67 30.08
C8 ATP E . -10.88 5.89 29.67
N7 ATP E . -11.65 6.36 30.69
C5 ATP E . -10.86 6.40 31.79
C6 ATP E . -10.99 6.80 33.21
N6 ATP E . -12.16 7.24 33.69
N1 ATP E . -9.90 6.71 34.01
C2 ATP E . -8.72 6.27 33.56
N3 ATP E . -8.53 5.90 32.28
C4 ATP E . -9.54 5.95 31.37
UNK UNX F . -12.78 2.74 24.50
UNK UNX G . -14.81 1.22 23.29
UNK UNX H . -15.70 1.53 21.26
PG ATP I . 13.83 1.97 -18.98
O1G ATP I . 13.00 1.32 -17.81
O2G ATP I . 13.41 1.51 -20.37
O3G ATP I . 14.04 3.46 -18.96
PB ATP I . 16.39 1.45 -20.16
O1B ATP I . 17.65 2.20 -19.80
O2B ATP I . 15.71 1.88 -21.46
O3B ATP I . 15.37 1.46 -18.88
PA ATP I . 18.39 -0.37 -20.54
O1A ATP I . 18.56 -1.06 -21.86
O2A ATP I . 19.11 -0.93 -19.31
O3A ATP I . 16.84 -0.10 -20.28
O5' ATP I . 18.93 1.12 -20.82
C5' ATP I . 19.37 1.94 -19.74
C4' ATP I . 19.90 3.19 -20.35
O4' ATP I . 21.09 2.92 -21.08
C3' ATP I . 18.87 3.67 -21.35
O3' ATP I . 18.71 5.07 -21.25
C2' ATP I . 19.46 3.31 -22.69
O2' ATP I . 19.10 4.16 -23.78
C1' ATP I . 20.94 3.43 -22.37
N9 ATP I . 21.72 2.68 -23.37
C8 ATP I . 21.51 1.42 -23.80
N7 ATP I . 22.45 1.09 -24.73
C5 ATP I . 23.23 2.17 -24.89
C6 ATP I . 24.40 2.54 -25.71
N6 ATP I . 24.88 1.65 -26.56
N1 ATP I . 24.94 3.77 -25.57
C2 ATP I . 24.44 4.69 -24.74
N3 ATP I . 23.38 4.43 -23.95
C4 ATP I . 22.76 3.22 -23.99
UNK UNX J . 14.55 -0.09 -23.10
UNK UNX K . 13.50 -2.32 -23.90
UNK UNX L . 12.09 -4.01 -23.09
PG ATP M . 7.40 -21.19 8.89
O1G ATP M . 7.32 -21.42 10.38
O2G ATP M . 6.25 -21.78 8.09
O3G ATP M . 7.71 -19.76 8.53
PB ATP M . 8.65 -22.95 7.06
O1B ATP M . 8.76 -22.03 5.87
O2B ATP M . 7.44 -23.86 7.19
O3B ATP M . 8.71 -22.00 8.38
PA ATP M . 10.55 -24.95 6.10
O1A ATP M . 9.45 -25.79 5.47
O2A ATP M . 11.75 -25.66 6.71
O3A ATP M . 9.97 -23.90 7.19
O5' ATP M . 11.01 -23.93 4.93
C5' ATP M . 11.35 -22.60 5.25
C4' ATP M . 11.47 -21.82 3.94
O4' ATP M . 12.10 -22.62 2.93
C3' ATP M . 10.08 -21.45 3.40
O3' ATP M . 10.06 -20.09 3.02
C2' ATP M . 9.92 -22.34 2.19
O2' ATP M . 9.06 -21.86 1.15
C1' ATP M . 11.36 -22.40 1.74
N9 ATP M . 11.53 -23.43 0.70
C8 ATP M . 11.12 -24.72 0.72
N7 ATP M . 11.45 -25.33 -0.43
C5 ATP M . 12.06 -24.42 -1.22
C6 ATP M . 12.67 -24.38 -2.56
N6 ATP M . 12.68 -25.50 -3.33
N1 ATP M . 13.20 -23.21 -2.99
C2 ATP M . 13.20 -22.10 -2.24
N3 ATP M . 12.67 -22.07 -1.01
C4 ATP M . 12.10 -23.17 -0.46
#